data_1BD3
#
_entry.id   1BD3
#
_cell.length_a   60.600
_cell.length_b   141.690
_cell.length_c   71.370
_cell.angle_alpha   90.00
_cell.angle_beta   115.13
_cell.angle_gamma   90.00
#
_symmetry.space_group_name_H-M   'P 1 21 1'
#
loop_
_entity.id
_entity.type
_entity.pdbx_description
1 polymer 'URACIL PHOSPHORIBOSYLTRANSFERASE'
2 non-polymer 'PHOSPHATE ION'
3 water water
#
_entity_poly.entity_id   1
_entity_poly.type   'polypeptide(L)'
_entity_poly.pdbx_seq_one_letter_code
;AQVPASGKLLVDPRYSTNDQEESILQDIITRFPNVVLMKQTAQLRAMMTIIRDKETPKEEFVFYADRLIRLLIEEALNEL
PFQKKEVTTPLDVSYHGVSFYSKICGVSIVRAGESMESGLRAVCRGVRIGKILIQRDETTAEPKLIYEKLPADIRERWVM
LLDPMCATAGSVCKAIEVLLRLGVKEERIIFVNILAAPQGIERVFKEYPKVRMVTAAVDICLNSRYYIVPGIGDFGDRYF
GTM
;
_entity_poly.pdbx_strand_id   D,C,B,A
#
loop_
_chem_comp.id
_chem_comp.type
_chem_comp.name
_chem_comp.formula
PO4 non-polymer 'PHOSPHATE ION' 'O4 P -3'
#
# COMPACT_ATOMS: atom_id res chain seq x y z
N GLN A 20 1.41 -24.88 -29.61
CA GLN A 20 0.18 -25.52 -29.14
C GLN A 20 -0.60 -24.53 -28.29
N GLU A 21 0.11 -23.73 -27.51
CA GLU A 21 -0.50 -22.75 -26.64
C GLU A 21 -1.06 -21.65 -27.55
N GLU A 22 -0.19 -21.21 -28.46
CA GLU A 22 -0.52 -20.16 -29.41
C GLU A 22 -1.80 -20.54 -30.11
N SER A 23 -1.81 -21.74 -30.66
CA SER A 23 -2.96 -22.28 -31.36
C SER A 23 -4.17 -22.31 -30.42
N ILE A 24 -3.96 -22.79 -29.21
CA ILE A 24 -5.06 -22.83 -28.26
C ILE A 24 -5.51 -21.38 -27.99
N LEU A 25 -4.56 -20.51 -27.72
CA LEU A 25 -4.88 -19.12 -27.46
C LEU A 25 -5.73 -18.50 -28.60
N GLN A 26 -5.24 -18.62 -29.81
CA GLN A 26 -5.92 -18.06 -30.97
C GLN A 26 -7.33 -18.62 -31.19
N ASP A 27 -7.48 -19.94 -31.02
CA ASP A 27 -8.77 -20.59 -31.22
C ASP A 27 -9.78 -20.03 -30.22
N ILE A 28 -9.33 -19.83 -28.99
CA ILE A 28 -10.23 -19.27 -27.99
C ILE A 28 -10.65 -17.90 -28.47
N ILE A 29 -9.63 -17.11 -28.83
CA ILE A 29 -9.82 -15.74 -29.30
C ILE A 29 -10.75 -15.71 -30.51
N THR A 30 -10.55 -16.60 -31.48
CA THR A 30 -11.46 -16.53 -32.60
C THR A 30 -12.87 -17.02 -32.28
N ARG A 31 -12.96 -18.07 -31.46
CA ARG A 31 -14.26 -18.64 -31.08
C ARG A 31 -15.11 -17.78 -30.14
N PHE A 32 -14.48 -17.10 -29.18
CA PHE A 32 -15.23 -16.29 -28.21
C PHE A 32 -14.89 -14.79 -28.19
N PRO A 33 -15.62 -14.03 -29.01
CA PRO A 33 -15.36 -12.58 -29.12
C PRO A 33 -15.45 -11.83 -27.83
N ASN A 34 -16.05 -12.44 -26.82
CA ASN A 34 -16.20 -11.75 -25.55
C ASN A 34 -15.11 -11.95 -24.55
N VAL A 35 -14.08 -12.68 -24.93
CA VAL A 35 -13.03 -12.85 -23.96
C VAL A 35 -11.91 -11.94 -24.33
N VAL A 36 -11.31 -11.33 -23.32
CA VAL A 36 -10.17 -10.49 -23.57
C VAL A 36 -9.00 -11.13 -22.86
N LEU A 37 -7.95 -11.36 -23.62
CA LEU A 37 -6.77 -11.99 -23.08
C LEU A 37 -5.73 -10.88 -22.84
N MET A 38 -5.17 -10.84 -21.64
CA MET A 38 -4.17 -9.83 -21.34
C MET A 38 -3.00 -10.05 -22.28
N LYS A 39 -2.37 -8.95 -22.70
CA LYS A 39 -1.22 -9.03 -23.58
C LYS A 39 -0.20 -9.91 -22.88
N GLN A 40 0.33 -10.88 -23.61
CA GLN A 40 1.31 -11.83 -23.07
C GLN A 40 2.74 -11.27 -23.07
N THR A 41 2.99 -10.30 -22.20
CA THR A 41 4.30 -9.69 -22.09
C THR A 41 5.24 -10.59 -21.31
N ALA A 42 6.53 -10.34 -21.43
CA ALA A 42 7.52 -11.15 -20.76
C ALA A 42 7.38 -11.01 -19.25
N GLN A 43 7.02 -9.82 -18.78
CA GLN A 43 6.86 -9.64 -17.33
C GLN A 43 5.71 -10.51 -16.84
N LEU A 44 4.60 -10.50 -17.59
CA LEU A 44 3.44 -11.30 -17.20
C LEU A 44 3.89 -12.76 -17.11
N ARG A 45 4.59 -13.24 -18.13
CA ARG A 45 5.08 -14.60 -18.10
C ARG A 45 5.96 -14.81 -16.88
N ALA A 46 6.82 -13.84 -16.58
CA ALA A 46 7.71 -14.00 -15.43
C ALA A 46 6.91 -14.15 -14.15
N MET A 47 5.84 -13.39 -14.05
CA MET A 47 5.03 -13.46 -12.86
C MET A 47 4.37 -14.83 -12.80
N MET A 48 3.86 -15.28 -13.93
CA MET A 48 3.19 -16.58 -13.99
C MET A 48 4.14 -17.70 -13.61
N THR A 49 5.41 -17.61 -14.01
CA THR A 49 6.31 -18.71 -13.65
C THR A 49 6.53 -18.80 -12.15
N ILE A 50 6.67 -17.66 -11.51
CA ILE A 50 6.89 -17.65 -10.09
C ILE A 50 5.66 -18.26 -9.41
N ILE A 51 4.50 -17.71 -9.76
CA ILE A 51 3.25 -18.19 -9.21
C ILE A 51 2.97 -19.68 -9.42
N ARG A 52 3.31 -20.18 -10.59
CA ARG A 52 3.05 -21.59 -10.92
C ARG A 52 4.02 -22.54 -10.28
N ASP A 53 5.22 -22.08 -10.08
CA ASP A 53 6.27 -22.89 -9.51
C ASP A 53 5.90 -23.46 -8.13
N LYS A 54 5.87 -24.79 -8.02
CA LYS A 54 5.55 -25.51 -6.76
C LYS A 54 6.46 -24.99 -5.64
N GLU A 55 7.73 -24.79 -6.01
CA GLU A 55 8.80 -24.38 -5.12
C GLU A 55 8.64 -22.98 -4.52
N THR A 56 7.71 -22.21 -5.05
CA THR A 56 7.54 -20.87 -4.55
C THR A 56 7.05 -20.71 -3.12
N PRO A 57 7.80 -19.98 -2.31
CA PRO A 57 7.42 -19.76 -0.93
C PRO A 57 6.19 -18.88 -0.86
N LYS A 58 5.40 -19.07 0.19
CA LYS A 58 4.17 -18.31 0.38
C LYS A 58 4.23 -16.80 0.32
N GLU A 59 5.23 -16.19 0.95
CA GLU A 59 5.30 -14.74 0.92
C GLU A 59 5.50 -14.29 -0.51
N GLU A 60 6.30 -15.04 -1.26
CA GLU A 60 6.55 -14.67 -2.64
C GLU A 60 5.29 -14.87 -3.48
N PHE A 61 4.63 -16.00 -3.27
CA PHE A 61 3.41 -16.29 -4.01
C PHE A 61 2.41 -15.14 -3.87
N VAL A 62 2.23 -14.69 -2.63
CA VAL A 62 1.29 -13.60 -2.38
C VAL A 62 1.74 -12.32 -3.08
N PHE A 63 3.02 -12.00 -2.95
CA PHE A 63 3.51 -10.80 -3.57
C PHE A 63 3.24 -10.77 -5.07
N TYR A 64 3.69 -11.80 -5.78
CA TYR A 64 3.48 -11.80 -7.23
C TYR A 64 2.01 -11.96 -7.63
N ALA A 65 1.28 -12.77 -6.89
CA ALA A 65 -0.14 -12.92 -7.20
C ALA A 65 -0.80 -11.53 -7.08
N ASP A 66 -0.47 -10.80 -6.01
CA ASP A 66 -1.04 -9.48 -5.84
C ASP A 66 -0.64 -8.54 -6.99
N ARG A 67 0.60 -8.63 -7.43
CA ARG A 67 1.07 -7.77 -8.51
C ARG A 67 0.32 -8.05 -9.79
N LEU A 68 0.18 -9.31 -10.12
CA LEU A 68 -0.50 -9.69 -11.34
C LEU A 68 -1.98 -9.30 -11.30
N ILE A 69 -2.62 -9.49 -10.14
CA ILE A 69 -4.05 -9.15 -10.02
C ILE A 69 -4.34 -7.69 -10.32
N ARG A 70 -3.45 -6.80 -9.89
CA ARG A 70 -3.69 -5.40 -10.18
C ARG A 70 -3.69 -5.13 -11.67
N LEU A 71 -2.74 -5.73 -12.37
CA LEU A 71 -2.68 -5.51 -13.81
C LEU A 71 -3.97 -6.02 -14.43
N LEU A 72 -4.40 -7.18 -13.95
CA LEU A 72 -5.61 -7.82 -14.43
C LEU A 72 -6.82 -6.91 -14.21
N ILE A 73 -6.93 -6.34 -13.03
CA ILE A 73 -8.05 -5.47 -12.73
C ILE A 73 -8.02 -4.22 -13.62
N GLU A 74 -6.82 -3.68 -13.83
CA GLU A 74 -6.71 -2.48 -14.67
C GLU A 74 -7.20 -2.84 -16.09
N GLU A 75 -6.87 -4.03 -16.55
CA GLU A 75 -7.31 -4.43 -17.88
C GLU A 75 -8.84 -4.52 -17.95
N ALA A 76 -9.43 -5.21 -16.98
CA ALA A 76 -10.88 -5.37 -16.96
C ALA A 76 -11.64 -4.07 -16.91
N LEU A 77 -11.11 -3.09 -16.20
CA LEU A 77 -11.82 -1.84 -16.08
C LEU A 77 -12.03 -1.21 -17.44
N ASN A 78 -11.24 -1.63 -18.42
CA ASN A 78 -11.41 -1.04 -19.73
C ASN A 78 -12.71 -1.51 -20.38
N GLU A 79 -13.34 -2.52 -19.80
CA GLU A 79 -14.58 -3.02 -20.37
C GLU A 79 -15.75 -2.18 -19.97
N LEU A 80 -15.55 -1.22 -19.07
CA LEU A 80 -16.69 -0.39 -18.68
C LEU A 80 -16.93 0.62 -19.75
N PRO A 81 -18.09 1.25 -19.68
CA PRO A 81 -18.53 2.28 -20.62
C PRO A 81 -18.01 3.65 -20.20
N PHE A 82 -17.68 4.50 -21.16
CA PHE A 82 -17.17 5.83 -20.85
C PHE A 82 -17.72 6.85 -21.81
N GLN A 83 -17.65 8.12 -21.40
CA GLN A 83 -18.16 9.21 -22.21
C GLN A 83 -17.01 10.16 -22.48
N LYS A 84 -17.13 10.98 -23.51
CA LYS A 84 -16.08 11.93 -23.79
C LYS A 84 -16.18 13.04 -22.77
N LYS A 85 -15.04 13.60 -22.42
CA LYS A 85 -15.02 14.67 -21.45
C LYS A 85 -13.88 15.57 -21.83
N GLU A 86 -14.14 16.86 -21.82
CA GLU A 86 -13.10 17.78 -22.19
C GLU A 86 -12.77 18.66 -21.00
N VAL A 87 -11.49 18.92 -20.82
CA VAL A 87 -11.11 19.74 -19.70
C VAL A 87 -10.07 20.72 -20.16
N THR A 88 -9.80 21.66 -19.26
CA THR A 88 -8.81 22.65 -19.54
C THR A 88 -7.67 22.44 -18.57
N THR A 89 -6.50 22.37 -19.17
CA THR A 89 -5.21 22.18 -18.55
C THR A 89 -4.85 23.47 -17.79
N PRO A 90 -3.82 23.45 -16.96
CA PRO A 90 -3.45 24.67 -16.22
C PRO A 90 -2.84 25.71 -17.16
N LEU A 91 -2.55 25.28 -18.36
CA LEU A 91 -1.98 26.09 -19.41
C LEU A 91 -3.13 26.69 -20.20
N ASP A 92 -4.33 26.62 -19.62
CA ASP A 92 -5.53 27.15 -20.26
C ASP A 92 -5.82 26.65 -21.65
N VAL A 93 -5.46 25.41 -21.91
CA VAL A 93 -5.74 24.84 -23.20
C VAL A 93 -6.57 23.59 -22.93
N SER A 94 -7.50 23.32 -23.84
CA SER A 94 -8.40 22.18 -23.70
C SER A 94 -7.80 20.83 -24.01
N TYR A 95 -8.25 19.86 -23.25
CA TYR A 95 -7.79 18.52 -23.46
C TYR A 95 -9.07 17.72 -23.60
N HIS A 96 -9.11 16.88 -24.61
CA HIS A 96 -10.27 16.08 -24.87
C HIS A 96 -10.06 14.68 -24.38
N GLY A 97 -10.70 14.37 -23.28
CA GLY A 97 -10.53 13.05 -22.74
C GLY A 97 -11.87 12.39 -22.57
N VAL A 98 -11.88 11.42 -21.67
CA VAL A 98 -13.08 10.68 -21.38
C VAL A 98 -13.20 10.53 -19.89
N SER A 99 -14.37 10.05 -19.50
CA SER A 99 -14.65 9.83 -18.11
C SER A 99 -15.51 8.61 -18.01
N PHE A 100 -15.36 7.90 -16.90
CA PHE A 100 -16.15 6.71 -16.66
C PHE A 100 -17.22 7.13 -15.65
N TYR A 101 -18.48 6.84 -15.94
CA TYR A 101 -19.57 7.26 -15.07
C TYR A 101 -20.50 6.17 -14.54
N SER A 102 -20.12 4.92 -14.63
CA SER A 102 -21.01 3.84 -14.15
C SER A 102 -20.94 3.47 -12.67
N LYS A 103 -22.02 2.85 -12.19
CA LYS A 103 -22.13 2.38 -10.80
C LYS A 103 -21.61 0.95 -10.91
N ILE A 104 -20.60 0.60 -10.12
CA ILE A 104 -20.08 -0.74 -10.22
C ILE A 104 -19.95 -1.33 -8.83
N CYS A 105 -19.54 -2.59 -8.81
CA CYS A 105 -19.29 -3.26 -7.55
C CYS A 105 -18.52 -4.51 -7.90
N GLY A 106 -17.86 -5.11 -6.92
CA GLY A 106 -17.09 -6.32 -7.19
C GLY A 106 -17.84 -7.44 -6.46
N VAL A 107 -17.76 -8.67 -6.94
CA VAL A 107 -18.45 -9.75 -6.26
C VAL A 107 -17.46 -10.85 -6.28
N SER A 108 -17.09 -11.31 -5.09
CA SER A 108 -16.12 -12.36 -5.05
C SER A 108 -16.72 -13.70 -4.74
N ILE A 109 -16.06 -14.72 -5.26
CA ILE A 109 -16.46 -16.07 -5.03
C ILE A 109 -15.52 -16.53 -3.90
N VAL A 110 -16.09 -16.79 -2.74
CA VAL A 110 -15.31 -17.20 -1.57
C VAL A 110 -14.81 -18.61 -1.75
N ARG A 111 -13.56 -18.84 -1.40
CA ARG A 111 -12.71 -17.80 -0.86
C ARG A 111 -11.65 -17.25 -1.85
N ALA A 112 -11.25 -18.08 -2.81
CA ALA A 112 -10.24 -17.69 -3.80
C ALA A 112 -10.47 -16.31 -4.41
N GLY A 113 -11.71 -16.03 -4.73
CA GLY A 113 -12.05 -14.73 -5.33
C GLY A 113 -11.72 -13.60 -4.37
N GLU A 114 -11.82 -13.90 -3.09
CA GLU A 114 -11.54 -12.87 -2.11
C GLU A 114 -10.12 -12.32 -2.24
N SER A 115 -9.18 -13.14 -2.70
CA SER A 115 -7.81 -12.68 -2.87
C SER A 115 -7.76 -11.49 -3.84
N MET A 116 -8.78 -11.35 -4.67
CA MET A 116 -8.80 -10.27 -5.65
C MET A 116 -9.42 -8.98 -5.21
N GLU A 117 -10.17 -9.01 -4.12
CA GLU A 117 -10.79 -7.78 -3.62
C GLU A 117 -9.81 -6.65 -3.30
N SER A 118 -8.69 -6.98 -2.67
CA SER A 118 -7.75 -5.94 -2.29
C SER A 118 -7.29 -5.22 -3.55
N GLY A 119 -7.11 -5.99 -4.61
CA GLY A 119 -6.67 -5.42 -5.85
C GLY A 119 -7.68 -4.42 -6.35
N LEU A 120 -8.94 -4.80 -6.32
CA LEU A 120 -9.98 -3.92 -6.81
C LEU A 120 -10.15 -2.71 -5.91
N ARG A 121 -9.90 -2.91 -4.62
CA ARG A 121 -10.06 -1.80 -3.66
C ARG A 121 -8.93 -0.79 -3.80
N ALA A 122 -7.78 -1.24 -4.30
CA ALA A 122 -6.62 -0.37 -4.46
C ALA A 122 -6.84 0.66 -5.54
N VAL A 123 -7.54 0.27 -6.60
CA VAL A 123 -7.78 1.22 -7.69
C VAL A 123 -9.11 1.93 -7.69
N CYS A 124 -10.13 1.32 -7.08
CA CYS A 124 -11.44 1.93 -7.02
C CYS A 124 -11.69 2.10 -5.53
N ARG A 125 -11.31 3.26 -5.00
CA ARG A 125 -11.46 3.50 -3.58
C ARG A 125 -12.86 3.24 -3.03
N GLY A 126 -12.95 2.46 -1.96
CA GLY A 126 -14.25 2.17 -1.33
C GLY A 126 -15.32 1.48 -2.21
N VAL A 127 -14.94 0.84 -3.30
CA VAL A 127 -15.92 0.17 -4.15
C VAL A 127 -16.72 -0.81 -3.29
N ARG A 128 -18.00 -0.96 -3.59
CA ARG A 128 -18.84 -1.89 -2.82
C ARG A 128 -18.45 -3.33 -3.18
N ILE A 129 -18.33 -4.21 -2.17
CA ILE A 129 -17.94 -5.59 -2.42
C ILE A 129 -19.01 -6.60 -1.94
N GLY A 130 -19.47 -7.45 -2.85
CA GLY A 130 -20.46 -8.47 -2.50
C GLY A 130 -19.65 -9.74 -2.43
N LYS A 131 -20.14 -10.73 -1.70
CA LYS A 131 -19.45 -12.01 -1.54
C LYS A 131 -20.46 -13.17 -1.77
N ILE A 132 -20.01 -14.25 -2.39
CA ILE A 132 -20.85 -15.43 -2.68
C ILE A 132 -20.10 -16.72 -2.35
N LEU A 133 -20.71 -17.56 -1.52
CA LEU A 133 -20.08 -18.82 -1.12
C LEU A 133 -20.85 -19.94 -1.77
N ILE A 134 -20.17 -20.71 -2.60
CA ILE A 134 -20.81 -21.79 -3.29
C ILE A 134 -20.19 -23.11 -2.94
N GLN A 135 -21.03 -24.12 -2.75
CA GLN A 135 -20.54 -25.44 -2.41
C GLN A 135 -21.01 -26.48 -3.38
N ARG A 136 -20.10 -27.35 -3.78
CA ARG A 136 -20.44 -28.42 -4.68
C ARG A 136 -21.04 -29.49 -3.78
N ASP A 137 -22.14 -30.10 -4.20
CA ASP A 137 -22.77 -31.13 -3.40
C ASP A 137 -21.93 -32.41 -3.30
N GLU A 138 -22.10 -33.13 -2.18
CA GLU A 138 -21.38 -34.37 -1.88
C GLU A 138 -21.85 -35.62 -2.65
N THR A 139 -23.17 -35.77 -2.80
CA THR A 139 -23.76 -36.91 -3.52
C THR A 139 -23.36 -36.78 -4.97
N THR A 140 -23.96 -35.79 -5.62
CA THR A 140 -23.67 -35.49 -7.00
C THR A 140 -22.45 -34.59 -6.85
N ALA A 141 -22.68 -33.31 -7.11
CA ALA A 141 -21.65 -32.30 -7.01
C ALA A 141 -22.23 -31.05 -7.67
N GLU A 142 -23.55 -30.96 -7.70
CA GLU A 142 -24.15 -29.79 -8.30
C GLU A 142 -23.79 -28.71 -7.30
N PRO A 143 -23.47 -27.52 -7.78
CA PRO A 143 -23.06 -26.45 -6.89
C PRO A 143 -24.25 -25.86 -6.19
N LYS A 144 -24.06 -25.63 -4.90
CA LYS A 144 -25.10 -25.07 -4.06
C LYS A 144 -24.64 -23.77 -3.45
N LEU A 145 -25.58 -22.84 -3.43
CA LEU A 145 -25.37 -21.53 -2.89
C LEU A 145 -25.40 -21.67 -1.38
N ILE A 146 -24.28 -21.45 -0.71
CA ILE A 146 -24.27 -21.59 0.75
C ILE A 146 -24.49 -20.29 1.50
N TYR A 147 -24.01 -19.18 0.94
CA TYR A 147 -24.14 -17.90 1.62
C TYR A 147 -23.81 -16.78 0.65
N GLU A 148 -24.40 -15.61 0.86
CA GLU A 148 -24.12 -14.45 0.00
C GLU A 148 -24.56 -13.15 0.65
N LYS A 149 -23.78 -12.09 0.48
CA LYS A 149 -24.14 -10.76 1.00
C LYS A 149 -23.75 -9.83 -0.12
N LEU A 150 -24.74 -9.24 -0.74
CA LEU A 150 -24.54 -8.35 -1.89
C LEU A 150 -25.12 -6.97 -1.68
N PRO A 151 -24.64 -6.02 -2.48
CA PRO A 151 -25.16 -4.66 -2.40
C PRO A 151 -26.65 -4.76 -2.72
N ALA A 152 -27.41 -3.88 -2.12
CA ALA A 152 -28.84 -3.89 -2.36
C ALA A 152 -29.26 -3.49 -3.76
N ASP A 153 -28.63 -2.48 -4.34
CA ASP A 153 -29.00 -2.03 -5.67
C ASP A 153 -28.15 -2.70 -6.73
N ILE A 154 -27.65 -3.89 -6.42
CA ILE A 154 -26.81 -4.60 -7.35
C ILE A 154 -27.42 -4.73 -8.76
N ARG A 155 -28.74 -4.79 -8.84
CA ARG A 155 -29.40 -4.93 -10.14
C ARG A 155 -29.08 -3.78 -11.08
N GLU A 156 -28.79 -2.63 -10.51
CA GLU A 156 -28.48 -1.47 -11.31
C GLU A 156 -27.00 -1.25 -11.59
N ARG A 157 -26.14 -2.16 -11.14
CA ARG A 157 -24.71 -2.01 -11.33
C ARG A 157 -24.01 -2.93 -12.31
N TRP A 158 -22.81 -2.52 -12.70
CA TRP A 158 -22.00 -3.36 -13.56
C TRP A 158 -21.31 -4.14 -12.45
N VAL A 159 -21.07 -5.41 -12.73
CA VAL A 159 -20.45 -6.31 -11.79
C VAL A 159 -19.12 -6.92 -12.20
N MET A 160 -18.10 -6.72 -11.38
CA MET A 160 -16.82 -7.31 -11.67
C MET A 160 -16.89 -8.55 -10.83
N LEU A 161 -17.03 -9.71 -11.47
CA LEU A 161 -17.12 -11.00 -10.80
C LEU A 161 -15.71 -11.59 -10.71
N LEU A 162 -15.24 -11.80 -9.48
CA LEU A 162 -13.89 -12.29 -9.23
C LEU A 162 -13.67 -13.78 -8.87
N ASP A 163 -12.88 -14.47 -9.66
CA ASP A 163 -12.56 -15.87 -9.39
C ASP A 163 -11.30 -16.21 -10.14
N PRO A 164 -10.23 -16.34 -9.41
CA PRO A 164 -8.95 -16.60 -10.05
C PRO A 164 -8.85 -17.82 -10.96
N MET A 165 -9.59 -18.89 -10.71
CA MET A 165 -9.46 -20.06 -11.55
C MET A 165 -10.80 -20.45 -12.12
N CYS A 166 -10.84 -20.85 -13.38
CA CYS A 166 -12.08 -21.26 -14.03
C CYS A 166 -11.84 -22.59 -14.71
N ALA A 167 -12.07 -23.69 -13.97
CA ALA A 167 -11.82 -25.03 -14.50
C ALA A 167 -13.07 -25.61 -15.18
N THR A 168 -14.03 -26.06 -14.40
CA THR A 168 -15.24 -26.63 -14.98
C THR A 168 -16.22 -25.50 -15.18
N ALA A 169 -15.97 -24.38 -14.52
CA ALA A 169 -16.86 -23.23 -14.59
C ALA A 169 -18.18 -23.48 -13.85
N GLY A 170 -18.27 -24.59 -13.11
CA GLY A 170 -19.48 -24.87 -12.36
C GLY A 170 -19.79 -23.77 -11.33
N SER A 171 -18.78 -23.31 -10.62
CA SER A 171 -18.97 -22.27 -9.61
C SER A 171 -19.39 -20.94 -10.18
N VAL A 172 -18.64 -20.46 -11.18
CA VAL A 172 -18.98 -19.18 -11.76
C VAL A 172 -20.35 -19.21 -12.43
N CYS A 173 -20.68 -20.33 -13.06
CA CYS A 173 -22.00 -20.39 -13.68
C CYS A 173 -23.07 -20.27 -12.61
N LYS A 174 -22.83 -20.88 -11.45
CA LYS A 174 -23.80 -20.80 -10.35
C LYS A 174 -23.89 -19.34 -9.87
N ALA A 175 -22.75 -18.69 -9.75
CA ALA A 175 -22.77 -17.31 -9.28
C ALA A 175 -23.57 -16.45 -10.23
N ILE A 176 -23.36 -16.68 -11.53
CA ILE A 176 -24.07 -15.89 -12.54
C ILE A 176 -25.57 -16.07 -12.46
N GLU A 177 -25.98 -17.33 -12.29
CA GLU A 177 -27.39 -17.66 -12.15
C GLU A 177 -27.97 -16.82 -11.01
N VAL A 178 -27.36 -16.83 -9.84
CA VAL A 178 -27.94 -16.00 -8.79
C VAL A 178 -27.96 -14.51 -9.11
N LEU A 179 -26.88 -14.00 -9.67
CA LEU A 179 -26.85 -12.57 -10.01
C LEU A 179 -28.01 -12.25 -10.96
N LEU A 180 -28.16 -13.09 -11.97
CA LEU A 180 -29.23 -12.87 -12.95
C LEU A 180 -30.57 -12.92 -12.27
N ARG A 181 -30.75 -13.89 -11.38
CA ARG A 181 -32.03 -14.00 -10.67
C ARG A 181 -32.35 -12.72 -9.88
N LEU A 182 -31.31 -12.06 -9.40
CA LEU A 182 -31.50 -10.84 -8.61
C LEU A 182 -31.78 -9.61 -9.46
N GLY A 183 -31.62 -9.74 -10.78
CA GLY A 183 -31.86 -8.62 -11.68
C GLY A 183 -30.63 -8.03 -12.41
N VAL A 184 -29.47 -8.62 -12.22
CA VAL A 184 -28.30 -8.09 -12.90
C VAL A 184 -28.42 -8.39 -14.40
N LYS A 185 -28.12 -7.41 -15.26
CA LYS A 185 -28.18 -7.63 -16.69
C LYS A 185 -26.96 -8.44 -17.09
N GLU A 186 -27.18 -9.57 -17.74
CA GLU A 186 -26.10 -10.43 -18.15
C GLU A 186 -24.96 -9.72 -18.84
N GLU A 187 -25.30 -8.74 -19.66
CA GLU A 187 -24.27 -8.02 -20.40
C GLU A 187 -23.50 -7.02 -19.55
N ARG A 188 -23.87 -6.91 -18.26
CA ARG A 188 -23.16 -6.00 -17.38
C ARG A 188 -22.26 -6.77 -16.41
N ILE A 189 -21.99 -8.02 -16.72
CA ILE A 189 -21.15 -8.82 -15.85
C ILE A 189 -19.80 -9.01 -16.48
N ILE A 190 -18.76 -8.64 -15.76
CA ILE A 190 -17.40 -8.79 -16.25
C ILE A 190 -16.71 -9.81 -15.37
N PHE A 191 -16.39 -10.95 -15.94
CA PHE A 191 -15.75 -12.03 -15.19
C PHE A 191 -14.25 -11.86 -15.28
N VAL A 192 -13.63 -11.51 -14.15
CA VAL A 192 -12.19 -11.31 -14.04
C VAL A 192 -11.54 -12.58 -13.53
N ASN A 193 -10.64 -13.13 -14.32
CA ASN A 193 -10.04 -14.40 -13.98
C ASN A 193 -8.52 -14.46 -14.26
N ILE A 194 -7.78 -15.27 -13.53
CA ILE A 194 -6.35 -15.34 -13.78
C ILE A 194 -5.99 -16.45 -14.77
N LEU A 195 -6.51 -17.64 -14.47
CA LEU A 195 -6.21 -18.82 -15.27
C LEU A 195 -7.49 -19.58 -15.67
N ALA A 196 -7.61 -19.97 -16.93
CA ALA A 196 -8.80 -20.71 -17.34
C ALA A 196 -8.47 -21.96 -18.15
N ALA A 197 -9.46 -22.85 -18.30
CA ALA A 197 -9.28 -24.05 -19.09
C ALA A 197 -10.29 -23.84 -20.18
N PRO A 198 -9.91 -24.24 -21.38
CA PRO A 198 -10.76 -24.10 -22.56
C PRO A 198 -12.19 -24.57 -22.27
N GLN A 199 -12.28 -25.68 -21.56
CA GLN A 199 -13.59 -26.21 -21.24
C GLN A 199 -14.45 -25.31 -20.34
N GLY A 200 -13.83 -24.64 -19.38
CA GLY A 200 -14.60 -23.77 -18.50
C GLY A 200 -15.07 -22.62 -19.37
N ILE A 201 -14.18 -22.16 -20.22
CA ILE A 201 -14.52 -21.06 -21.10
C ILE A 201 -15.72 -21.36 -21.97
N GLU A 202 -15.66 -22.51 -22.63
CA GLU A 202 -16.77 -22.92 -23.49
C GLU A 202 -18.07 -22.96 -22.70
N ARG A 203 -18.04 -23.49 -21.48
CA ARG A 203 -19.26 -23.56 -20.70
C ARG A 203 -19.84 -22.22 -20.33
N VAL A 204 -19.01 -21.29 -19.87
CA VAL A 204 -19.61 -20.03 -19.51
C VAL A 204 -20.29 -19.38 -20.71
N PHE A 205 -19.65 -19.44 -21.87
CA PHE A 205 -20.26 -18.83 -23.05
C PHE A 205 -21.46 -19.54 -23.65
N LYS A 206 -21.51 -20.86 -23.45
CA LYS A 206 -22.64 -21.62 -23.96
C LYS A 206 -23.83 -21.21 -23.05
N GLU A 207 -23.59 -21.02 -21.75
CA GLU A 207 -24.70 -20.62 -20.88
C GLU A 207 -25.01 -19.13 -20.85
N TYR A 208 -24.00 -18.28 -20.83
CA TYR A 208 -24.22 -16.82 -20.79
C TYR A 208 -23.39 -16.07 -21.79
N PRO A 209 -23.74 -16.24 -23.05
CA PRO A 209 -23.02 -15.61 -24.15
C PRO A 209 -22.76 -14.13 -24.05
N LYS A 210 -23.55 -13.42 -23.25
CA LYS A 210 -23.37 -11.97 -23.14
C LYS A 210 -22.39 -11.42 -22.11
N VAL A 211 -21.91 -12.24 -21.18
CA VAL A 211 -20.99 -11.69 -20.20
C VAL A 211 -19.63 -11.45 -20.89
N ARG A 212 -18.73 -10.72 -20.24
CA ARG A 212 -17.40 -10.47 -20.82
C ARG A 212 -16.44 -11.18 -19.89
N MET A 213 -15.35 -11.73 -20.41
CA MET A 213 -14.40 -12.41 -19.54
C MET A 213 -12.99 -11.92 -19.81
N VAL A 214 -12.28 -11.58 -18.76
CA VAL A 214 -10.90 -11.11 -18.91
C VAL A 214 -10.01 -12.12 -18.19
N THR A 215 -9.02 -12.68 -18.87
CA THR A 215 -8.16 -13.67 -18.21
C THR A 215 -6.70 -13.39 -18.53
N ALA A 216 -5.81 -13.96 -17.73
CA ALA A 216 -4.40 -13.76 -17.96
C ALA A 216 -3.82 -14.95 -18.68
N ALA A 217 -4.50 -16.09 -18.63
CA ALA A 217 -3.94 -17.27 -19.29
C ALA A 217 -4.95 -18.35 -19.56
N VAL A 218 -4.68 -19.17 -20.58
CA VAL A 218 -5.57 -20.28 -20.92
C VAL A 218 -4.66 -21.50 -20.95
N ASP A 219 -4.92 -22.48 -20.10
CA ASP A 219 -4.11 -23.68 -20.03
C ASP A 219 -4.64 -24.77 -20.96
N ILE A 220 -4.02 -25.94 -20.90
CA ILE A 220 -4.37 -27.07 -21.76
C ILE A 220 -5.62 -27.86 -21.43
N CYS A 221 -5.63 -28.50 -20.27
CA CYS A 221 -6.76 -29.30 -19.86
C CYS A 221 -6.99 -29.33 -18.36
N LEU A 222 -7.90 -30.23 -17.95
CA LEU A 222 -8.26 -30.43 -16.56
C LEU A 222 -7.96 -31.88 -16.23
N ASN A 223 -7.53 -32.17 -15.01
CA ASN A 223 -7.28 -33.56 -14.68
C ASN A 223 -8.55 -34.16 -14.07
N SER A 224 -8.47 -35.43 -13.69
CA SER A 224 -9.62 -36.14 -13.13
C SER A 224 -10.03 -35.48 -11.84
N ARG A 225 -9.09 -34.74 -11.27
CA ARG A 225 -9.36 -34.05 -10.04
C ARG A 225 -9.92 -32.68 -10.36
N TYR A 226 -10.05 -32.38 -11.65
CA TYR A 226 -10.57 -31.07 -12.05
C TYR A 226 -9.63 -29.89 -11.82
N TYR A 227 -8.34 -30.16 -11.76
CA TYR A 227 -7.40 -29.09 -11.59
C TYR A 227 -6.93 -28.78 -12.98
N ILE A 228 -6.67 -27.50 -13.24
CA ILE A 228 -6.18 -27.09 -14.55
C ILE A 228 -4.71 -27.49 -14.67
N VAL A 229 -4.32 -27.96 -15.85
CA VAL A 229 -2.93 -28.34 -16.05
C VAL A 229 -2.43 -27.57 -17.30
N PRO A 230 -1.18 -27.13 -17.29
CA PRO A 230 -0.21 -27.33 -16.19
C PRO A 230 -0.70 -26.66 -14.90
N GLY A 231 -1.52 -25.64 -15.05
CA GLY A 231 -2.14 -24.94 -13.92
C GLY A 231 -1.29 -24.35 -12.83
N ILE A 232 -1.88 -24.24 -11.66
CA ILE A 232 -1.19 -23.59 -10.55
C ILE A 232 -1.37 -24.29 -9.19
N GLY A 233 -2.20 -25.32 -9.18
CA GLY A 233 -2.50 -26.06 -7.95
C GLY A 233 -3.74 -25.37 -7.38
N ASP A 234 -3.93 -25.46 -6.05
CA ASP A 234 -5.09 -24.84 -5.43
C ASP A 234 -4.83 -23.37 -5.09
N PHE A 235 -5.34 -22.49 -5.93
CA PHE A 235 -5.13 -21.08 -5.72
C PHE A 235 -5.35 -20.55 -4.30
N GLY A 236 -6.55 -20.82 -3.82
CA GLY A 236 -6.99 -20.41 -2.49
C GLY A 236 -6.09 -20.93 -1.36
N ASP A 237 -5.75 -22.21 -1.41
CA ASP A 237 -4.89 -22.76 -0.37
C ASP A 237 -3.54 -22.08 -0.44
N ARG A 238 -3.04 -21.89 -1.66
CA ARG A 238 -1.74 -21.27 -1.78
C ARG A 238 -1.78 -19.83 -1.37
N TYR A 239 -2.74 -19.06 -1.84
CA TYR A 239 -2.78 -17.64 -1.48
C TYR A 239 -2.98 -17.40 0.04
N PHE A 240 -3.93 -18.13 0.64
CA PHE A 240 -4.22 -17.96 2.07
C PHE A 240 -3.35 -18.79 3.03
N GLY A 241 -2.56 -19.69 2.48
CA GLY A 241 -1.67 -20.51 3.28
C GLY A 241 -2.31 -21.65 4.08
N THR A 242 -3.39 -22.24 3.55
CA THR A 242 -4.08 -23.34 4.23
C THR A 242 -3.85 -24.66 3.51
N MET A 243 -2.61 -24.98 3.13
CA MET A 243 -2.33 -26.22 2.42
C MET A 243 -2.84 -27.48 3.12
N GLN B 20 23.20 3.57 32.52
CA GLN B 20 22.90 2.98 31.23
C GLN B 20 21.68 3.61 30.54
N GLU B 21 21.17 2.94 29.51
CA GLU B 21 20.03 3.46 28.78
C GLU B 21 18.87 4.02 29.62
N GLU B 22 18.51 3.34 30.71
CA GLU B 22 17.41 3.86 31.50
C GLU B 22 17.74 5.19 32.13
N SER B 23 18.97 5.34 32.54
CA SER B 23 19.41 6.57 33.16
C SER B 23 19.18 7.65 32.13
N ILE B 24 19.85 7.49 31.00
CA ILE B 24 19.77 8.41 29.89
C ILE B 24 18.37 8.86 29.59
N LEU B 25 17.50 7.93 29.18
CA LEU B 25 16.11 8.25 28.86
C LEU B 25 15.47 9.11 29.94
N GLN B 26 15.79 8.78 31.17
CA GLN B 26 15.22 9.50 32.29
C GLN B 26 15.68 10.97 32.35
N ASP B 27 16.96 11.19 32.12
CA ASP B 27 17.55 12.53 32.16
C ASP B 27 16.91 13.43 31.13
N ILE B 28 16.93 12.94 29.89
CA ILE B 28 16.37 13.61 28.73
C ILE B 28 14.90 13.96 28.98
N ILE B 29 14.15 12.93 29.35
CA ILE B 29 12.73 13.11 29.60
C ILE B 29 12.56 14.21 30.63
N THR B 30 13.42 14.19 31.63
CA THR B 30 13.38 15.17 32.70
C THR B 30 13.83 16.58 32.29
N ARG B 31 14.95 16.66 31.60
CA ARG B 31 15.45 17.97 31.20
C ARG B 31 14.73 18.56 30.02
N PHE B 32 14.17 17.72 29.16
CA PHE B 32 13.51 18.25 28.00
C PHE B 32 12.07 17.93 27.85
N PRO B 33 11.24 18.74 28.48
CA PRO B 33 9.80 18.54 28.46
C PRO B 33 9.17 18.45 27.05
N ASN B 34 9.85 18.93 26.02
CA ASN B 34 9.27 18.84 24.69
C ASN B 34 9.63 17.64 23.86
N VAL B 35 10.26 16.64 24.46
CA VAL B 35 10.59 15.46 23.68
C VAL B 35 9.60 14.36 24.02
N VAL B 36 9.21 13.60 23.01
CA VAL B 36 8.26 12.53 23.18
C VAL B 36 8.93 11.28 22.69
N LEU B 37 9.14 10.34 23.59
CA LEU B 37 9.78 9.09 23.23
C LEU B 37 8.61 8.16 23.00
N MET B 38 8.67 7.35 21.95
CA MET B 38 7.59 6.42 21.69
C MET B 38 7.64 5.35 22.75
N LYS B 39 6.50 4.72 23.01
CA LYS B 39 6.50 3.64 24.00
C LYS B 39 7.43 2.56 23.49
N GLN B 40 8.34 2.19 24.35
CA GLN B 40 9.32 1.20 24.04
C GLN B 40 8.71 -0.18 24.20
N THR B 41 7.91 -0.59 23.22
CA THR B 41 7.28 -1.89 23.27
C THR B 41 8.24 -2.93 22.75
N ALA B 42 7.91 -4.19 22.96
CA ALA B 42 8.76 -5.28 22.51
C ALA B 42 8.81 -5.31 20.98
N GLN B 43 7.71 -4.95 20.34
CA GLN B 43 7.66 -4.95 18.88
C GLN B 43 8.56 -3.84 18.38
N LEU B 44 8.50 -2.70 19.04
CA LEU B 44 9.33 -1.58 18.63
C LEU B 44 10.77 -2.03 18.74
N ARG B 45 11.11 -2.62 19.87
CA ARG B 45 12.47 -3.07 20.05
C ARG B 45 12.84 -4.08 18.98
N ALA B 46 11.91 -4.99 18.68
CA ALA B 46 12.17 -6.01 17.67
C ALA B 46 12.45 -5.36 16.32
N MET B 47 11.69 -4.33 15.97
CA MET B 47 11.94 -3.68 14.68
C MET B 47 13.32 -3.03 14.71
N MET B 48 13.59 -2.33 15.80
CA MET B 48 14.89 -1.69 15.97
C MET B 48 15.98 -2.70 15.82
N THR B 49 15.79 -3.90 16.38
CA THR B 49 16.89 -4.85 16.22
C THR B 49 17.16 -5.27 14.79
N ILE B 50 16.10 -5.40 14.01
CA ILE B 50 16.32 -5.78 12.63
C ILE B 50 16.96 -4.62 11.90
N ILE B 51 16.47 -3.39 12.07
CA ILE B 51 17.08 -2.29 11.34
C ILE B 51 18.53 -1.95 11.70
N ARG B 52 18.92 -2.15 12.96
CA ARG B 52 20.31 -1.85 13.33
C ARG B 52 21.26 -2.96 12.96
N ASP B 53 20.76 -4.17 12.87
CA ASP B 53 21.60 -5.31 12.53
C ASP B 53 22.30 -5.07 11.20
N LYS B 54 23.62 -5.10 11.21
CA LYS B 54 24.40 -4.88 9.99
C LYS B 54 24.23 -5.99 8.97
N GLU B 55 23.70 -7.13 9.40
CA GLU B 55 23.54 -8.23 8.47
C GLU B 55 22.18 -8.26 7.75
N THR B 56 21.26 -7.37 8.11
CA THR B 56 19.99 -7.41 7.43
C THR B 56 20.01 -6.87 6.02
N PRO B 57 19.42 -7.65 5.13
CA PRO B 57 19.31 -7.35 3.70
C PRO B 57 18.43 -6.13 3.37
N LYS B 58 18.79 -5.42 2.31
CA LYS B 58 18.06 -4.22 1.91
C LYS B 58 16.54 -4.25 1.92
N GLU B 59 15.96 -5.34 1.45
CA GLU B 59 14.51 -5.46 1.40
C GLU B 59 13.91 -5.46 2.81
N GLU B 60 14.51 -6.25 3.69
CA GLU B 60 14.02 -6.32 5.05
C GLU B 60 14.21 -4.98 5.74
N PHE B 61 15.37 -4.38 5.51
CA PHE B 61 15.64 -3.07 6.11
C PHE B 61 14.52 -2.12 5.71
N VAL B 62 14.22 -2.07 4.42
CA VAL B 62 13.18 -1.19 3.94
C VAL B 62 11.82 -1.52 4.52
N PHE B 63 11.47 -2.79 4.53
CA PHE B 63 10.15 -3.17 5.03
C PHE B 63 9.95 -2.77 6.48
N TYR B 64 10.91 -3.11 7.31
CA TYR B 64 10.85 -2.79 8.74
C TYR B 64 10.97 -1.29 9.05
N ALA B 65 11.77 -0.57 8.28
CA ALA B 65 11.91 0.88 8.51
C ALA B 65 10.57 1.53 8.21
N ASP B 66 9.94 1.11 7.11
CA ASP B 66 8.65 1.68 6.74
C ASP B 66 7.63 1.42 7.82
N ARG B 67 7.63 0.19 8.33
CA ARG B 67 6.68 -0.17 9.35
C ARG B 67 6.83 0.70 10.59
N LEU B 68 8.08 0.90 10.98
CA LEU B 68 8.38 1.68 12.16
C LEU B 68 8.08 3.13 11.92
N ILE B 69 8.44 3.60 10.74
CA ILE B 69 8.15 4.99 10.44
C ILE B 69 6.64 5.22 10.51
N ARG B 70 5.86 4.23 10.08
CA ARG B 70 4.43 4.43 10.15
C ARG B 70 3.95 4.65 11.61
N LEU B 71 4.51 3.92 12.55
CA LEU B 71 4.10 4.09 13.94
C LEU B 71 4.58 5.42 14.48
N LEU B 72 5.76 5.82 14.03
CA LEU B 72 6.31 7.08 14.51
C LEU B 72 5.45 8.26 14.07
N ILE B 73 5.02 8.26 12.80
CA ILE B 73 4.17 9.37 12.35
C ILE B 73 2.82 9.42 13.05
N GLU B 74 2.26 8.24 13.33
CA GLU B 74 0.96 8.17 14.00
C GLU B 74 1.17 8.82 15.36
N GLU B 75 2.29 8.52 16.01
CA GLU B 75 2.56 9.12 17.31
C GLU B 75 2.68 10.65 17.20
N ALA B 76 3.49 11.12 16.25
CA ALA B 76 3.70 12.55 16.06
C ALA B 76 2.41 13.32 15.85
N LEU B 77 1.52 12.73 15.07
CA LEU B 77 0.27 13.39 14.77
C LEU B 77 -0.48 13.80 16.02
N ASN B 78 -0.19 13.15 17.14
CA ASN B 78 -0.89 13.54 18.35
C ASN B 78 -0.43 14.92 18.87
N GLU B 79 0.66 15.44 18.33
CA GLU B 79 1.14 16.75 18.79
C GLU B 79 0.32 17.89 18.24
N LEU B 80 -0.51 17.59 17.27
CA LEU B 80 -1.33 18.64 16.67
C LEU B 80 -2.53 19.04 17.50
N PRO B 81 -2.96 20.27 17.29
CA PRO B 81 -4.11 20.85 17.96
C PRO B 81 -5.42 20.18 17.53
N PHE B 82 -6.35 20.00 18.46
CA PHE B 82 -7.62 19.38 18.11
C PHE B 82 -8.81 20.03 18.78
N GLN B 83 -9.92 19.97 18.05
CA GLN B 83 -11.21 20.54 18.45
C GLN B 83 -12.17 19.43 18.91
N LYS B 84 -13.10 19.78 19.78
CA LYS B 84 -14.06 18.80 20.24
C LYS B 84 -15.09 18.72 19.15
N LYS B 85 -15.62 17.52 18.94
CA LYS B 85 -16.65 17.33 17.93
C LYS B 85 -17.62 16.26 18.37
N GLU B 86 -18.89 16.56 18.20
CA GLU B 86 -19.89 15.60 18.59
C GLU B 86 -20.57 15.12 17.32
N VAL B 87 -20.78 13.83 17.23
CA VAL B 87 -21.44 13.28 16.05
C VAL B 87 -22.55 12.37 16.47
N THR B 88 -23.40 12.04 15.52
CA THR B 88 -24.47 11.13 15.81
C THR B 88 -24.19 9.87 15.03
N THR B 89 -24.17 8.81 15.79
CA THR B 89 -23.89 7.47 15.36
C THR B 89 -25.11 6.92 14.57
N PRO B 90 -24.98 5.75 13.93
CA PRO B 90 -26.12 5.21 13.18
C PRO B 90 -27.23 4.78 14.15
N LEU B 91 -26.89 4.65 15.42
CA LEU B 91 -27.86 4.27 16.41
C LEU B 91 -28.65 5.51 16.78
N ASP B 92 -28.42 6.59 16.03
CA ASP B 92 -29.13 7.82 16.30
C ASP B 92 -28.86 8.35 17.69
N VAL B 93 -27.63 8.20 18.14
CA VAL B 93 -27.22 8.68 19.45
C VAL B 93 -25.90 9.45 19.31
N SER B 94 -25.68 10.43 20.19
CA SER B 94 -24.48 11.26 20.16
C SER B 94 -23.20 10.62 20.67
N TYR B 95 -22.09 10.99 20.03
CA TYR B 95 -20.80 10.50 20.46
C TYR B 95 -19.92 11.75 20.50
N HIS B 96 -19.19 11.92 21.58
CA HIS B 96 -18.35 13.10 21.71
C HIS B 96 -16.96 12.76 21.35
N GLY B 97 -16.54 13.27 20.19
CA GLY B 97 -15.21 12.99 19.71
C GLY B 97 -14.43 14.27 19.57
N VAL B 98 -13.40 14.20 18.74
CA VAL B 98 -12.56 15.34 18.54
C VAL B 98 -12.25 15.40 17.07
N SER B 99 -11.77 16.55 16.62
CA SER B 99 -11.41 16.71 15.23
C SER B 99 -10.14 17.52 15.18
N PHE B 100 -9.28 17.16 14.24
CA PHE B 100 -8.01 17.85 14.04
C PHE B 100 -8.24 18.76 12.85
N TYR B 101 -8.11 20.06 13.09
CA TYR B 101 -8.37 21.06 12.08
C TYR B 101 -7.22 21.84 11.46
N SER B 102 -6.03 21.76 12.03
CA SER B 102 -4.92 22.52 11.48
C SER B 102 -4.45 22.20 10.05
N LYS B 103 -3.81 23.18 9.41
CA LYS B 103 -3.29 22.98 8.07
C LYS B 103 -1.85 22.57 8.36
N ILE B 104 -1.39 21.51 7.71
CA ILE B 104 -0.05 21.06 7.97
C ILE B 104 0.68 20.73 6.69
N CYS B 105 1.90 20.26 6.87
CA CYS B 105 2.70 19.87 5.73
C CYS B 105 3.86 19.11 6.30
N GLY B 106 4.51 18.30 5.46
CA GLY B 106 5.67 17.53 5.88
C GLY B 106 6.82 18.27 5.22
N VAL B 107 7.99 18.27 5.87
CA VAL B 107 9.18 18.92 5.27
C VAL B 107 10.32 17.91 5.45
N SER B 108 10.77 17.38 4.32
CA SER B 108 11.82 16.38 4.31
C SER B 108 13.19 16.99 4.27
N ILE B 109 14.10 16.42 5.04
CA ILE B 109 15.46 16.89 4.98
C ILE B 109 16.11 15.91 3.99
N VAL B 110 16.44 16.40 2.79
CA VAL B 110 17.02 15.54 1.76
C VAL B 110 18.43 15.11 2.17
N ARG B 111 18.78 13.83 1.96
CA ARG B 111 17.92 12.81 1.35
C ARG B 111 17.25 11.83 2.34
N ALA B 112 17.90 11.60 3.48
CA ALA B 112 17.39 10.69 4.50
C ALA B 112 15.93 10.93 4.92
N GLY B 113 15.56 12.18 5.11
CA GLY B 113 14.20 12.43 5.52
C GLY B 113 13.20 11.99 4.46
N GLU B 114 13.62 11.92 3.20
CA GLU B 114 12.66 11.54 2.15
C GLU B 114 12.02 10.19 2.43
N SER B 115 12.76 9.32 3.10
CA SER B 115 12.24 8.00 3.45
C SER B 115 10.97 8.06 4.28
N MET B 116 10.76 9.15 5.02
CA MET B 116 9.56 9.25 5.85
C MET B 116 8.39 9.84 5.14
N GLU B 117 8.58 10.28 3.93
CA GLU B 117 7.47 10.89 3.21
C GLU B 117 6.30 9.94 2.95
N SER B 118 6.60 8.74 2.48
CA SER B 118 5.57 7.76 2.14
C SER B 118 4.75 7.44 3.36
N GLY B 119 5.44 7.39 4.48
CA GLY B 119 4.71 7.10 5.71
C GLY B 119 3.68 8.20 5.95
N LEU B 120 4.09 9.46 5.86
CA LEU B 120 3.17 10.58 6.08
C LEU B 120 2.04 10.60 5.06
N ARG B 121 2.39 10.34 3.81
CA ARG B 121 1.38 10.36 2.75
C ARG B 121 0.45 9.19 2.91
N ALA B 122 0.87 8.18 3.65
CA ALA B 122 0.02 7.01 3.84
C ALA B 122 -1.11 7.33 4.79
N VAL B 123 -0.85 8.18 5.77
CA VAL B 123 -1.88 8.52 6.75
C VAL B 123 -2.55 9.85 6.50
N CYS B 124 -1.87 10.73 5.77
CA CYS B 124 -2.41 12.03 5.44
C CYS B 124 -2.44 12.12 3.93
N ARG B 125 -3.51 11.66 3.32
CA ARG B 125 -3.53 11.68 1.87
C ARG B 125 -3.33 13.06 1.26
N GLY B 126 -2.43 13.11 0.27
CA GLY B 126 -2.15 14.36 -0.44
C GLY B 126 -1.60 15.50 0.41
N VAL B 127 -1.08 15.20 1.60
CA VAL B 127 -0.54 16.27 2.44
C VAL B 127 0.58 16.95 1.65
N ARG B 128 0.71 18.27 1.80
CA ARG B 128 1.77 18.97 1.08
C ARG B 128 3.15 18.59 1.59
N ILE B 129 4.11 18.39 0.68
CA ILE B 129 5.44 18.01 1.13
C ILE B 129 6.52 19.01 0.65
N GLY B 130 7.25 19.61 1.58
CA GLY B 130 8.32 20.55 1.24
C GLY B 130 9.62 19.76 1.32
N LYS B 131 10.67 20.24 0.67
CA LYS B 131 11.95 19.56 0.70
C LYS B 131 13.06 20.57 0.93
N ILE B 132 14.08 20.17 1.70
CA ILE B 132 15.24 21.05 1.96
C ILE B 132 16.47 20.18 1.88
N LEU B 133 17.43 20.61 1.09
CA LEU B 133 18.71 19.91 0.92
C LEU B 133 19.75 20.81 1.54
N ILE B 134 20.35 20.31 2.59
CA ILE B 134 21.36 21.03 3.33
C ILE B 134 22.58 20.16 3.27
N GLN B 135 23.75 20.75 2.97
CA GLN B 135 24.99 19.96 2.90
C GLN B 135 26.16 20.64 3.68
N ARG B 136 27.02 19.84 4.31
CA ARG B 136 28.15 20.45 5.03
C ARG B 136 29.31 20.70 4.06
N ASP B 137 29.91 21.88 4.13
CA ASP B 137 31.03 22.18 3.23
C ASP B 137 32.14 21.15 3.36
N GLU B 138 32.57 20.61 2.24
CA GLU B 138 33.61 19.60 2.21
C GLU B 138 34.88 19.96 2.97
N THR B 139 35.13 21.24 3.15
CA THR B 139 36.35 21.64 3.83
C THR B 139 36.08 22.22 5.20
N THR B 140 35.17 23.15 5.14
CA THR B 140 34.75 23.92 6.25
C THR B 140 33.79 23.21 7.19
N ALA B 141 33.00 22.30 6.64
CA ALA B 141 32.02 21.57 7.44
C ALA B 141 30.77 22.37 7.78
N GLU B 142 30.71 23.63 7.38
CA GLU B 142 29.52 24.42 7.65
C GLU B 142 28.38 23.88 6.80
N PRO B 143 27.24 23.68 7.43
CA PRO B 143 26.05 23.19 6.75
C PRO B 143 25.47 24.36 6.00
N LYS B 144 25.20 24.14 4.72
CA LYS B 144 24.68 25.20 3.88
C LYS B 144 23.43 24.70 3.18
N LEU B 145 22.51 25.62 2.93
CA LEU B 145 21.27 25.35 2.24
C LEU B 145 21.66 25.24 0.77
N ILE B 146 21.44 24.07 0.18
CA ILE B 146 21.76 23.82 -1.21
C ILE B 146 20.55 23.99 -2.10
N TYR B 147 19.40 23.51 -1.62
CA TYR B 147 18.16 23.56 -2.39
C TYR B 147 16.96 23.46 -1.46
N GLU B 148 15.88 24.15 -1.79
CA GLU B 148 14.66 24.08 -1.00
C GLU B 148 13.44 24.32 -1.91
N LYS B 149 12.32 23.68 -1.61
CA LYS B 149 11.10 23.81 -2.40
C LYS B 149 10.03 23.56 -1.38
N LEU B 150 9.38 24.62 -0.91
CA LEU B 150 8.34 24.48 0.12
C LEU B 150 7.04 25.08 -0.31
N PRO B 151 5.96 24.76 0.39
CA PRO B 151 4.66 25.29 0.04
C PRO B 151 4.71 26.77 0.23
N ALA B 152 3.99 27.47 -0.63
CA ALA B 152 3.95 28.92 -0.56
C ALA B 152 3.45 29.49 0.76
N ASP B 153 2.54 28.80 1.43
CA ASP B 153 1.97 29.30 2.67
C ASP B 153 2.47 28.63 3.92
N ILE B 154 3.66 28.05 3.82
CA ILE B 154 4.21 27.34 4.95
C ILE B 154 4.15 28.09 6.27
N ARG B 155 4.27 29.41 6.19
CA ARG B 155 4.22 30.22 7.41
C ARG B 155 2.91 30.01 8.16
N GLU B 156 1.86 29.68 7.42
CA GLU B 156 0.54 29.48 8.04
C GLU B 156 0.31 28.07 8.55
N ARG B 157 1.26 27.18 8.30
CA ARG B 157 1.08 25.79 8.70
C ARG B 157 1.90 25.24 9.82
N TRP B 158 1.48 24.06 10.29
CA TRP B 158 2.18 23.30 11.33
C TRP B 158 3.13 22.43 10.49
N VAL B 159 4.38 22.35 10.92
CA VAL B 159 5.39 21.60 10.17
C VAL B 159 5.85 20.30 10.80
N MET B 160 5.81 19.23 10.01
CA MET B 160 6.29 17.94 10.46
C MET B 160 7.62 17.91 9.73
N LEU B 161 8.70 18.12 10.48
CA LEU B 161 10.05 18.14 9.94
C LEU B 161 10.60 16.75 10.11
N LEU B 162 10.91 16.10 8.99
CA LEU B 162 11.40 14.72 8.98
C LEU B 162 12.88 14.48 8.71
N ASP B 163 13.53 13.78 9.63
CA ASP B 163 14.95 13.43 9.52
C ASP B 163 15.19 12.26 10.49
N PRO B 164 15.46 11.08 9.96
CA PRO B 164 15.67 9.85 10.75
C PRO B 164 16.71 9.89 11.86
N MET B 165 17.80 10.58 11.61
CA MET B 165 18.85 10.62 12.60
C MET B 165 19.19 12.03 13.07
N CYS B 166 19.61 12.14 14.31
CA CYS B 166 19.98 13.43 14.86
C CYS B 166 21.20 13.16 15.72
N ALA B 167 22.38 13.34 15.13
CA ALA B 167 23.66 13.11 15.78
C ALA B 167 24.15 14.39 16.44
N THR B 168 24.73 15.30 15.66
CA THR B 168 25.18 16.57 16.24
C THR B 168 24.08 17.62 16.15
N ALA B 169 23.04 17.37 15.36
CA ALA B 169 21.93 18.32 15.20
C ALA B 169 22.28 19.52 14.31
N GLY B 170 23.44 19.45 13.68
CA GLY B 170 23.87 20.54 12.82
C GLY B 170 22.87 20.77 11.70
N SER B 171 22.52 19.70 11.02
CA SER B 171 21.57 19.75 9.91
C SER B 171 20.19 20.22 10.31
N VAL B 172 19.59 19.58 11.30
CA VAL B 172 18.26 20.00 11.65
C VAL B 172 18.22 21.45 12.11
N CYS B 173 19.23 21.87 12.86
CA CYS B 173 19.24 23.27 13.31
C CYS B 173 19.21 24.25 12.12
N LYS B 174 19.98 23.94 11.09
CA LYS B 174 20.01 24.81 9.90
C LYS B 174 18.64 24.78 9.24
N ALA B 175 18.06 23.58 9.15
CA ALA B 175 16.75 23.45 8.53
C ALA B 175 15.72 24.31 9.28
N ILE B 176 15.73 24.23 10.60
CA ILE B 176 14.78 25.03 11.37
C ILE B 176 15.04 26.51 11.14
N GLU B 177 16.31 26.88 11.07
CA GLU B 177 16.69 28.28 10.83
C GLU B 177 16.04 28.82 9.54
N VAL B 178 16.11 28.04 8.46
CA VAL B 178 15.52 28.47 7.20
C VAL B 178 14.01 28.52 7.29
N LEU B 179 13.43 27.59 8.02
CA LEU B 179 11.97 27.66 8.14
C LEU B 179 11.59 28.93 8.88
N LEU B 180 12.31 29.24 9.94
CA LEU B 180 11.99 30.45 10.71
C LEU B 180 12.13 31.71 9.85
N ARG B 181 13.14 31.74 9.00
CA ARG B 181 13.34 32.93 8.16
C ARG B 181 12.18 33.09 7.24
N LEU B 182 11.47 32.00 7.00
CA LEU B 182 10.31 32.08 6.12
C LEU B 182 9.05 32.43 6.86
N GLY B 183 9.13 32.53 8.17
CA GLY B 183 7.94 32.90 8.90
C GLY B 183 7.22 31.77 9.62
N VAL B 184 7.73 30.54 9.61
CA VAL B 184 7.00 29.51 10.36
C VAL B 184 7.21 29.78 11.84
N LYS B 185 6.21 29.50 12.68
CA LYS B 185 6.38 29.74 14.13
C LYS B 185 7.15 28.59 14.74
N GLU B 186 8.11 28.91 15.59
CA GLU B 186 8.94 27.89 16.22
C GLU B 186 8.08 26.84 16.90
N GLU B 187 7.03 27.32 17.54
CA GLU B 187 6.12 26.46 18.26
C GLU B 187 5.31 25.50 17.38
N ARG B 188 5.35 25.68 16.07
CA ARG B 188 4.60 24.81 15.18
C ARG B 188 5.44 23.79 14.44
N ILE B 189 6.67 23.63 14.89
CA ILE B 189 7.55 22.69 14.27
C ILE B 189 7.58 21.43 15.13
N ILE B 190 7.20 20.32 14.52
CA ILE B 190 7.23 19.04 15.23
C ILE B 190 8.32 18.27 14.51
N PHE B 191 9.45 18.08 15.18
CA PHE B 191 10.57 17.38 14.59
C PHE B 191 10.40 15.86 14.80
N VAL B 192 10.19 15.13 13.70
CA VAL B 192 9.99 13.67 13.69
C VAL B 192 11.29 12.95 13.41
N ASN B 193 11.75 12.16 14.38
CA ASN B 193 13.04 11.50 14.25
C ASN B 193 13.02 10.03 14.63
N ILE B 194 13.88 9.25 14.03
CA ILE B 194 13.90 7.83 14.38
C ILE B 194 14.85 7.61 15.55
N LEU B 195 16.09 8.04 15.37
CA LEU B 195 17.13 7.87 16.36
C LEU B 195 17.87 9.17 16.68
N ALA B 196 18.20 9.39 17.95
CA ALA B 196 18.90 10.59 18.33
C ALA B 196 19.97 10.32 19.39
N ALA B 197 20.91 11.25 19.50
CA ALA B 197 21.97 11.17 20.49
C ALA B 197 21.66 12.31 21.46
N PRO B 198 22.06 12.15 22.71
CA PRO B 198 21.80 13.16 23.73
C PRO B 198 22.32 14.54 23.35
N GLN B 199 23.52 14.61 22.82
CA GLN B 199 24.11 15.88 22.42
C GLN B 199 23.15 16.56 21.43
N GLY B 200 22.72 15.80 20.44
CA GLY B 200 21.81 16.30 19.43
C GLY B 200 20.58 16.93 20.05
N ILE B 201 19.90 16.17 20.89
CA ILE B 201 18.71 16.69 21.53
C ILE B 201 19.05 17.97 22.29
N GLU B 202 20.14 17.94 23.03
CA GLU B 202 20.53 19.10 23.81
C GLU B 202 20.69 20.34 22.94
N ARG B 203 21.44 20.22 21.85
CA ARG B 203 21.60 21.38 20.98
C ARG B 203 20.31 21.95 20.42
N VAL B 204 19.46 21.07 19.90
CA VAL B 204 18.21 21.54 19.33
C VAL B 204 17.39 22.35 20.34
N PHE B 205 17.40 21.88 21.59
CA PHE B 205 16.65 22.60 22.60
C PHE B 205 17.30 23.88 23.11
N LYS B 206 18.62 23.95 23.01
CA LYS B 206 19.36 25.14 23.40
C LYS B 206 19.00 26.23 22.40
N GLU B 207 19.08 25.87 21.11
CA GLU B 207 18.80 26.81 20.03
C GLU B 207 17.32 27.11 19.74
N TYR B 208 16.46 26.11 19.87
CA TYR B 208 15.04 26.32 19.61
C TYR B 208 14.27 25.56 20.66
N PRO B 209 14.24 26.14 21.83
CA PRO B 209 13.56 25.56 22.97
C PRO B 209 12.08 25.32 22.72
N LYS B 210 11.51 25.97 21.73
CA LYS B 210 10.09 25.80 21.48
C LYS B 210 9.62 24.70 20.54
N VAL B 211 10.49 24.06 19.79
CA VAL B 211 9.98 23.02 18.90
C VAL B 211 9.55 21.79 19.67
N ARG B 212 8.89 20.88 18.98
CA ARG B 212 8.47 19.64 19.59
C ARG B 212 9.25 18.54 18.88
N MET B 213 9.66 17.53 19.62
CA MET B 213 10.43 16.43 19.01
C MET B 213 9.85 15.07 19.39
N VAL B 214 9.61 14.22 18.40
CA VAL B 214 9.10 12.88 18.64
C VAL B 214 10.14 11.89 18.13
N THR B 215 10.54 10.93 18.95
CA THR B 215 11.57 10.01 18.49
C THR B 215 11.33 8.60 19.02
N ALA B 216 11.92 7.63 18.33
CA ALA B 216 11.81 6.22 18.69
C ALA B 216 12.89 5.73 19.61
N ALA B 217 14.02 6.41 19.61
CA ALA B 217 15.11 5.92 20.45
C ALA B 217 16.18 6.93 20.72
N VAL B 218 16.85 6.80 21.86
CA VAL B 218 17.96 7.67 22.12
C VAL B 218 19.16 6.81 22.42
N ASP B 219 20.20 6.97 21.62
CA ASP B 219 21.40 6.17 21.80
C ASP B 219 22.35 6.74 22.86
N ILE B 220 23.49 6.09 23.03
CA ILE B 220 24.44 6.51 24.06
C ILE B 220 25.23 7.76 23.71
N CYS B 221 25.95 7.70 22.60
CA CYS B 221 26.76 8.83 22.21
C CYS B 221 27.12 8.83 20.73
N LEU B 222 28.08 9.68 20.39
CA LEU B 222 28.57 9.81 19.03
C LEU B 222 29.94 9.17 18.88
N ASN B 223 30.28 8.84 17.65
CA ASN B 223 31.55 8.22 17.33
C ASN B 223 32.67 9.23 17.37
N SER B 224 33.88 8.71 17.26
CA SER B 224 35.05 9.56 17.21
C SER B 224 34.79 10.31 15.88
N ARG B 225 34.02 9.69 14.99
CA ARG B 225 33.65 10.27 13.70
C ARG B 225 32.20 10.77 13.70
N TYR B 226 31.70 11.21 14.84
CA TYR B 226 30.33 11.73 14.87
C TYR B 226 29.22 10.80 14.42
N TYR B 227 29.34 9.52 14.73
CA TYR B 227 28.28 8.61 14.36
C TYR B 227 27.60 8.20 15.67
N ILE B 228 26.29 8.05 15.64
CA ILE B 228 25.55 7.65 16.85
C ILE B 228 25.92 6.20 17.15
N VAL B 229 26.04 5.88 18.42
CA VAL B 229 26.39 4.53 18.81
C VAL B 229 25.52 4.13 19.97
N PRO B 230 25.09 2.88 19.99
CA PRO B 230 25.41 1.87 18.99
C PRO B 230 24.95 2.20 17.57
N GLY B 231 23.93 3.04 17.46
CA GLY B 231 23.40 3.48 16.16
C GLY B 231 22.80 2.49 15.15
N ILE B 232 22.82 2.89 13.88
CA ILE B 232 22.25 2.11 12.78
C ILE B 232 23.16 2.25 11.55
N GLY B 233 24.06 3.21 11.59
CA GLY B 233 24.95 3.41 10.45
C GLY B 233 24.33 4.55 9.63
N ASP B 234 24.65 4.61 8.35
CA ASP B 234 24.11 5.68 7.53
C ASP B 234 22.72 5.26 7.07
N PHE B 235 21.72 5.81 7.73
CA PHE B 235 20.35 5.47 7.38
C PHE B 235 19.99 5.67 5.90
N GLY B 236 20.30 6.82 5.32
CA GLY B 236 19.98 7.08 3.92
C GLY B 236 20.62 6.08 2.96
N ASP B 237 21.87 5.72 3.22
CA ASP B 237 22.55 4.77 2.34
C ASP B 237 21.87 3.41 2.44
N ARG B 238 21.55 3.02 3.66
CA ARG B 238 20.88 1.74 3.91
C ARG B 238 19.45 1.72 3.37
N TYR B 239 18.73 2.81 3.50
CA TYR B 239 17.38 2.84 2.99
C TYR B 239 17.29 2.92 1.49
N PHE B 240 18.10 3.76 0.87
CA PHE B 240 18.05 3.89 -0.59
C PHE B 240 18.92 2.90 -1.33
N GLY B 241 19.78 2.22 -0.59
CA GLY B 241 20.65 1.21 -1.17
C GLY B 241 21.86 1.76 -1.89
N THR B 242 22.38 2.88 -1.42
CA THR B 242 23.58 3.43 -2.05
C THR B 242 24.75 3.28 -1.10
N MET B 243 24.97 2.07 -0.61
CA MET B 243 26.08 1.84 0.30
C MET B 243 26.99 0.78 -0.30
N GLN C 20 -17.32 8.70 33.17
CA GLN C 20 -18.30 7.63 32.99
C GLN C 20 -17.68 6.56 32.10
N GLU C 21 -17.17 6.99 30.96
CA GLU C 21 -16.52 6.08 30.05
C GLU C 21 -15.33 5.61 30.89
N GLU C 22 -14.64 6.60 31.47
CA GLU C 22 -13.48 6.35 32.31
C GLU C 22 -13.79 5.30 33.35
N SER C 23 -14.94 5.45 33.98
CA SER C 23 -15.38 4.51 34.99
C SER C 23 -15.59 3.12 34.39
N ILE C 24 -16.33 3.06 33.29
CA ILE C 24 -16.54 1.76 32.66
C ILE C 24 -15.17 1.22 32.25
N LEU C 25 -14.36 2.07 31.62
CA LEU C 25 -13.04 1.65 31.18
C LEU C 25 -12.22 1.08 32.33
N GLN C 26 -12.09 1.85 33.41
CA GLN C 26 -11.30 1.40 34.55
C GLN C 26 -11.86 0.09 35.15
N ASP C 27 -13.17 -0.01 35.24
CA ASP C 27 -13.80 -1.20 35.80
C ASP C 27 -13.46 -2.44 34.96
N ILE C 28 -13.49 -2.29 33.64
CA ILE C 28 -13.17 -3.40 32.77
C ILE C 28 -11.71 -3.75 33.04
N ILE C 29 -10.89 -2.72 33.02
CA ILE C 29 -9.47 -2.90 33.25
C ILE C 29 -9.15 -3.59 34.57
N THR C 30 -9.78 -3.19 35.67
CA THR C 30 -9.41 -3.88 36.89
C THR C 30 -10.02 -5.26 37.02
N ARG C 31 -11.19 -5.46 36.43
CA ARG C 31 -11.85 -6.75 36.46
C ARG C 31 -11.24 -7.84 35.59
N PHE C 32 -10.80 -7.48 34.37
CA PHE C 32 -10.22 -8.48 33.45
C PHE C 32 -8.76 -8.22 33.09
N PRO C 33 -7.86 -8.80 33.85
CA PRO C 33 -6.43 -8.58 33.60
C PRO C 33 -6.03 -8.94 32.20
N ASN C 34 -6.81 -9.79 31.53
CA ASN C 34 -6.45 -10.20 30.18
C ASN C 34 -6.86 -9.30 29.06
N VAL C 35 -7.46 -8.16 29.38
CA VAL C 35 -7.80 -7.30 28.29
C VAL C 35 -6.81 -6.18 28.19
N VAL C 36 -6.50 -5.81 26.96
CA VAL C 36 -5.61 -4.71 26.74
C VAL C 36 -6.31 -3.69 25.88
N LEU C 37 -6.46 -2.51 26.45
CA LEU C 37 -7.14 -1.40 25.81
C LEU C 37 -6.05 -0.54 25.17
N MET C 38 -6.26 -0.12 23.93
CA MET C 38 -5.30 0.72 23.27
C MET C 38 -5.30 2.05 23.98
N LYS C 39 -4.15 2.72 23.95
CA LYS C 39 -4.04 4.00 24.60
C LYS C 39 -4.99 4.97 23.93
N GLN C 40 -5.82 5.65 24.73
CA GLN C 40 -6.80 6.58 24.20
C GLN C 40 -6.27 7.94 23.76
N THR C 41 -5.51 7.93 22.67
CA THR C 41 -4.93 9.15 22.14
C THR C 41 -5.97 9.94 21.39
N ALA C 42 -5.71 11.23 21.23
CA ALA C 42 -6.61 12.14 20.53
C ALA C 42 -6.80 11.67 19.09
N GLN C 43 -5.73 11.17 18.49
CA GLN C 43 -5.82 10.68 17.10
C GLN C 43 -6.76 9.49 17.06
N LEU C 44 -6.56 8.56 17.98
CA LEU C 44 -7.41 7.37 18.05
C LEU C 44 -8.87 7.85 18.16
N ARG C 45 -9.12 8.81 19.05
CA ARG C 45 -10.47 9.34 19.18
C ARG C 45 -10.94 10.05 17.90
N ALA C 46 -10.03 10.68 17.17
CA ALA C 46 -10.42 11.37 15.94
C ALA C 46 -10.84 10.35 14.92
N MET C 47 -10.14 9.23 14.92
CA MET C 47 -10.48 8.18 13.99
C MET C 47 -11.84 7.57 14.35
N MET C 48 -12.03 7.22 15.61
CA MET C 48 -13.30 6.63 16.03
C MET C 48 -14.43 7.60 15.72
N THR C 49 -14.12 8.88 15.81
CA THR C 49 -15.12 9.89 15.55
C THR C 49 -15.57 9.80 14.11
N ILE C 50 -14.62 9.72 13.19
CA ILE C 50 -14.99 9.63 11.80
C ILE C 50 -15.77 8.35 11.54
N ILE C 51 -15.25 7.22 11.97
CA ILE C 51 -15.99 6.01 11.67
C ILE C 51 -17.33 5.81 12.32
N ARG C 52 -17.53 6.42 13.48
CA ARG C 52 -18.80 6.28 14.18
C ARG C 52 -19.88 7.19 13.59
N ASP C 53 -19.45 8.27 12.95
CA ASP C 53 -20.40 9.23 12.38
C ASP C 53 -21.22 8.60 11.25
N LYS C 54 -22.55 8.58 11.41
CA LYS C 54 -23.41 8.00 10.37
C LYS C 54 -23.31 8.79 9.09
N GLU C 55 -22.76 10.00 9.18
CA GLU C 55 -22.64 10.85 8.02
C GLU C 55 -21.45 10.51 7.15
N THR C 56 -20.51 9.74 7.68
CA THR C 56 -19.37 9.45 6.85
C THR C 56 -19.52 8.58 5.61
N PRO C 57 -18.96 9.04 4.50
CA PRO C 57 -19.03 8.31 3.24
C PRO C 57 -18.19 7.05 3.25
N LYS C 58 -18.61 6.07 2.47
CA LYS C 58 -17.90 4.79 2.39
C LYS C 58 -16.39 4.90 2.21
N GLU C 59 -15.96 5.70 1.25
CA GLU C 59 -14.52 5.79 1.03
C GLU C 59 -13.79 6.23 2.26
N GLU C 60 -14.36 7.21 2.95
CA GLU C 60 -13.72 7.69 4.16
C GLU C 60 -13.73 6.63 5.24
N PHE C 61 -14.91 6.07 5.47
CA PHE C 61 -15.08 5.04 6.49
C PHE C 61 -14.03 3.98 6.23
N VAL C 62 -13.94 3.53 5.00
CA VAL C 62 -12.95 2.51 4.73
C VAL C 62 -11.53 3.00 5.06
N PHE C 63 -11.21 4.22 4.64
CA PHE C 63 -9.88 4.73 4.89
C PHE C 63 -9.48 4.77 6.35
N TYR C 64 -10.34 5.35 7.16
CA TYR C 64 -10.02 5.44 8.57
C TYR C 64 -10.09 4.09 9.25
N ALA C 65 -11.01 3.25 8.81
CA ALA C 65 -11.11 1.94 9.41
C ALA C 65 -9.78 1.21 9.20
N ASP C 66 -9.27 1.24 7.97
CA ASP C 66 -8.01 0.55 7.72
C ASP C 66 -6.88 1.13 8.55
N ARG C 67 -6.89 2.45 8.70
CA ARG C 67 -5.84 3.11 9.47
C ARG C 67 -5.84 2.67 10.92
N LEU C 68 -7.03 2.59 11.51
CA LEU C 68 -7.16 2.20 12.90
C LEU C 68 -6.79 0.75 13.05
N ILE C 69 -7.19 -0.08 12.08
CA ILE C 69 -6.88 -1.50 12.16
C ILE C 69 -5.37 -1.79 12.25
N ARG C 70 -4.60 -1.05 11.45
CA ARG C 70 -3.15 -1.21 11.45
C ARG C 70 -2.63 -1.00 12.89
N LEU C 71 -3.04 0.08 13.52
CA LEU C 71 -2.56 0.37 14.87
C LEU C 71 -2.92 -0.72 15.85
N LEU C 72 -4.18 -1.13 15.78
CA LEU C 72 -4.72 -2.18 16.63
C LEU C 72 -3.88 -3.46 16.46
N ILE C 73 -3.64 -3.84 15.21
CA ILE C 73 -2.86 -5.03 14.97
C ILE C 73 -1.45 -4.88 15.56
N GLU C 74 -0.84 -3.71 15.38
CA GLU C 74 0.50 -3.51 15.91
C GLU C 74 0.48 -3.66 17.43
N GLU C 75 -0.59 -3.19 18.04
CA GLU C 75 -0.73 -3.30 19.48
C GLU C 75 -0.82 -4.77 19.89
N ALA C 76 -1.70 -5.49 19.21
CA ALA C 76 -1.93 -6.91 19.50
C ALA C 76 -0.67 -7.74 19.34
N LEU C 77 0.13 -7.44 18.33
CA LEU C 77 1.34 -8.23 18.14
C LEU C 77 2.28 -8.22 19.35
N ASN C 78 2.12 -7.25 20.24
CA ASN C 78 3.00 -7.24 21.40
C ASN C 78 2.62 -8.31 22.43
N GLU C 79 1.49 -8.97 22.24
CA GLU C 79 1.07 -9.99 23.18
C GLU C 79 1.78 -11.30 22.94
N LEU C 80 2.50 -11.37 21.83
CA LEU C 80 3.21 -12.60 21.49
C LEU C 80 4.47 -12.68 22.32
N PRO C 81 5.04 -13.87 22.42
CA PRO C 81 6.28 -14.08 23.17
C PRO C 81 7.54 -13.75 22.35
N PHE C 82 8.59 -13.31 23.03
CA PHE C 82 9.84 -12.94 22.36
C PHE C 82 11.09 -13.37 23.10
N GLN C 83 12.20 -13.38 22.38
CA GLN C 83 13.48 -13.79 22.93
C GLN C 83 14.46 -12.65 22.85
N LYS C 84 15.42 -12.62 23.76
CA LYS C 84 16.43 -11.58 23.72
C LYS C 84 17.26 -11.98 22.53
N LYS C 85 17.83 -10.99 21.86
CA LYS C 85 18.69 -11.25 20.73
C LYS C 85 19.64 -10.08 20.68
N GLU C 86 20.90 -10.42 20.46
CA GLU C 86 21.93 -9.42 20.41
C GLU C 86 22.51 -9.37 18.99
N VAL C 87 22.69 -8.17 18.47
CA VAL C 87 23.23 -8.04 17.13
C VAL C 87 24.31 -6.99 17.20
N THR C 88 25.07 -6.88 16.11
CA THR C 88 26.10 -5.88 16.04
C THR C 88 25.78 -4.97 14.88
N THR C 89 25.81 -3.69 15.23
CA THR C 89 25.55 -2.53 14.41
C THR C 89 26.65 -2.40 13.35
N PRO C 90 26.45 -1.56 12.34
CA PRO C 90 27.47 -1.40 11.31
C PRO C 90 28.69 -0.62 11.86
N LEU C 91 28.51 -0.04 13.05
CA LEU C 91 29.54 0.72 13.75
C LEU C 91 30.35 -0.29 14.54
N ASP C 92 29.95 -1.55 14.43
CA ASP C 92 30.61 -2.68 15.10
C ASP C 92 30.44 -2.86 16.61
N VAL C 93 29.46 -2.18 17.18
CA VAL C 93 29.18 -2.29 18.60
C VAL C 93 27.90 -3.09 18.72
N SER C 94 27.71 -3.75 19.85
CA SER C 94 26.53 -4.58 20.06
C SER C 94 25.28 -3.85 20.49
N TYR C 95 24.15 -4.44 20.14
CA TYR C 95 22.88 -3.88 20.50
C TYR C 95 22.16 -5.09 21.01
N HIS C 96 21.38 -4.92 22.07
CA HIS C 96 20.63 -6.02 22.65
C HIS C 96 19.18 -5.85 22.34
N GLY C 97 18.70 -6.70 21.43
CA GLY C 97 17.31 -6.67 20.96
C GLY C 97 16.46 -7.82 21.48
N VAL C 98 15.25 -7.99 20.93
CA VAL C 98 14.37 -9.06 21.41
C VAL C 98 13.40 -9.66 20.41
N SER C 99 13.90 -10.59 19.60
CA SER C 99 13.14 -11.28 18.56
C SER C 99 11.89 -12.11 18.91
N PHE C 100 10.95 -12.12 17.97
CA PHE C 100 9.73 -12.90 18.12
C PHE C 100 9.97 -14.10 17.22
N TYR C 101 9.84 -15.30 17.76
CA TYR C 101 10.12 -16.53 17.00
C TYR C 101 8.96 -17.51 16.90
N SER C 102 7.77 -17.12 17.35
CA SER C 102 6.63 -18.03 17.30
C SER C 102 5.88 -18.11 15.95
N LYS C 103 5.16 -19.21 15.75
CA LYS C 103 4.38 -19.47 14.54
C LYS C 103 3.00 -18.90 14.79
N ILE C 104 2.43 -18.19 13.82
CA ILE C 104 1.11 -17.62 14.07
C ILE C 104 0.25 -17.69 12.85
N CYS C 105 -0.97 -17.22 13.00
CA CYS C 105 -1.87 -17.20 11.89
C CYS C 105 -2.99 -16.28 12.32
N GLY C 106 -3.77 -15.81 11.35
CA GLY C 106 -4.90 -14.94 11.65
C GLY C 106 -6.10 -15.82 11.31
N VAL C 107 -7.21 -15.58 11.99
CA VAL C 107 -8.39 -16.37 11.71
C VAL C 107 -9.43 -15.32 11.78
N SER C 108 -10.15 -15.14 10.67
CA SER C 108 -11.17 -14.12 10.65
C SER C 108 -12.56 -14.70 10.71
N ILE C 109 -13.47 -13.92 11.29
CA ILE C 109 -14.84 -14.29 11.39
C ILE C 109 -15.54 -13.56 10.21
N VAL C 110 -15.95 -14.33 9.23
CA VAL C 110 -16.62 -13.82 8.05
C VAL C 110 -17.97 -13.28 8.47
N ARG C 111 -18.34 -12.13 7.94
CA ARG C 111 -17.49 -11.45 7.00
C ARG C 111 -16.79 -10.23 7.61
N ALA C 112 -17.37 -9.63 8.65
CA ALA C 112 -16.74 -8.46 9.25
C ALA C 112 -15.26 -8.58 9.61
N GLY C 113 -14.84 -9.72 10.15
CA GLY C 113 -13.43 -9.91 10.51
C GLY C 113 -12.49 -9.89 9.30
N GLU C 114 -13.02 -10.24 8.14
CA GLU C 114 -12.17 -10.26 6.96
C GLU C 114 -11.60 -8.87 6.66
N SER C 115 -12.30 -7.83 7.12
CA SER C 115 -11.85 -6.47 6.92
C SER C 115 -10.49 -6.24 7.58
N MET C 116 -10.15 -7.06 8.58
CA MET C 116 -8.89 -6.91 9.29
C MET C 116 -7.75 -7.68 8.70
N GLU C 117 -8.07 -8.59 7.80
CA GLU C 117 -7.02 -9.39 7.21
C GLU C 117 -5.95 -8.54 6.48
N SER C 118 -6.37 -7.54 5.73
CA SER C 118 -5.38 -6.77 4.99
C SER C 118 -4.39 -6.12 5.92
N GLY C 119 -4.87 -5.70 7.08
CA GLY C 119 -4.01 -5.05 8.06
C GLY C 119 -2.97 -6.02 8.59
N LEU C 120 -3.39 -7.24 8.88
CA LEU C 120 -2.45 -8.21 9.41
C LEU C 120 -1.46 -8.57 8.33
N ARG C 121 -1.96 -8.68 7.11
CA ARG C 121 -1.06 -9.07 6.02
C ARG C 121 -0.09 -7.95 5.67
N ALA C 122 -0.46 -6.72 5.97
CA ALA C 122 0.40 -5.57 5.67
C ALA C 122 1.62 -5.64 6.56
N VAL C 123 1.44 -6.07 7.80
CA VAL C 123 2.55 -6.14 8.72
C VAL C 123 3.21 -7.51 8.90
N CYS C 124 2.48 -8.56 8.57
CA CYS C 124 3.06 -9.89 8.70
C CYS C 124 2.93 -10.46 7.31
N ARG C 125 3.96 -10.26 6.50
CA ARG C 125 3.95 -10.70 5.11
C ARG C 125 3.65 -12.18 4.96
N GLY C 126 2.67 -12.48 4.11
CA GLY C 126 2.28 -13.86 3.83
C GLY C 126 1.82 -14.69 5.04
N VAL C 127 1.31 -14.04 6.08
CA VAL C 127 0.85 -14.78 7.23
C VAL C 127 -0.33 -15.61 6.78
N ARG C 128 -0.42 -16.82 7.31
CA ARG C 128 -1.53 -17.71 6.94
C ARG C 128 -2.87 -17.19 7.49
N ILE C 129 -3.93 -17.21 6.68
CA ILE C 129 -5.23 -16.72 7.13
C ILE C 129 -6.28 -17.83 7.11
N GLY C 130 -6.95 -18.06 8.23
CA GLY C 130 -8.00 -19.07 8.28
C GLY C 130 -9.25 -18.25 8.28
N LYS C 131 -10.38 -18.87 7.97
CA LYS C 131 -11.66 -18.17 7.97
C LYS C 131 -12.74 -19.08 8.58
N ILE C 132 -13.66 -18.48 9.34
CA ILE C 132 -14.79 -19.19 9.99
C ILE C 132 -16.06 -18.39 9.75
N LEU C 133 -17.12 -19.06 9.27
CA LEU C 133 -18.39 -18.42 9.00
C LEU C 133 -19.39 -19.03 9.96
N ILE C 134 -19.98 -18.17 10.80
CA ILE C 134 -20.94 -18.56 11.82
C ILE C 134 -22.23 -17.77 11.70
N GLN C 135 -23.40 -18.33 12.03
CA GLN C 135 -24.64 -17.55 11.95
C GLN C 135 -25.66 -17.97 13.03
N ARG C 136 -26.18 -17.01 13.80
CA ARG C 136 -27.14 -17.37 14.85
C ARG C 136 -28.42 -17.94 14.26
N ASP C 137 -29.00 -18.93 14.93
CA ASP C 137 -30.25 -19.53 14.45
C ASP C 137 -31.39 -18.53 14.65
N GLU C 138 -32.18 -18.32 13.60
CA GLU C 138 -33.31 -17.40 13.63
C GLU C 138 -34.23 -17.52 14.85
N THR C 139 -34.52 -18.76 15.23
CA THR C 139 -35.40 -19.04 16.36
C THR C 139 -34.61 -19.20 17.64
N THR C 140 -33.74 -20.19 17.61
CA THR C 140 -32.89 -20.59 18.70
C THR C 140 -31.84 -19.57 19.13
N ALA C 141 -31.25 -18.90 18.14
CA ALA C 141 -30.21 -17.90 18.34
C ALA C 141 -28.83 -18.53 18.54
N GLU C 142 -28.79 -19.86 18.50
CA GLU C 142 -27.54 -20.57 18.67
C GLU C 142 -26.71 -20.26 17.44
N PRO C 143 -25.49 -19.78 17.65
CA PRO C 143 -24.63 -19.46 16.55
C PRO C 143 -24.21 -20.81 16.06
N LYS C 144 -24.24 -20.99 14.75
CA LYS C 144 -23.85 -22.27 14.19
C LYS C 144 -22.72 -22.08 13.17
N LEU C 145 -21.83 -23.05 13.15
CA LEU C 145 -20.69 -23.03 12.25
C LEU C 145 -21.18 -23.46 10.88
N ILE C 146 -21.02 -22.58 9.90
CA ILE C 146 -21.46 -22.90 8.56
C ILE C 146 -20.34 -23.28 7.65
N TYR C 147 -19.15 -22.75 7.92
CA TYR C 147 -18.07 -23.05 7.05
C TYR C 147 -16.77 -22.61 7.66
N GLU C 148 -15.71 -23.33 7.34
CA GLU C 148 -14.41 -22.98 7.88
C GLU C 148 -13.31 -23.56 7.04
N LYS C 149 -12.21 -22.81 6.94
CA LYS C 149 -11.03 -23.27 6.20
C LYS C 149 -9.88 -22.69 6.99
N LEU C 150 -9.14 -23.57 7.65
CA LEU C 150 -8.03 -23.19 8.51
C LEU C 150 -6.75 -23.90 8.15
N PRO C 151 -5.62 -23.33 8.57
CA PRO C 151 -4.33 -23.94 8.29
C PRO C 151 -4.35 -25.32 8.92
N ALA C 152 -3.62 -26.25 8.33
CA ALA C 152 -3.58 -27.60 8.85
C ALA C 152 -2.99 -27.77 10.24
N ASP C 153 -1.92 -27.06 10.55
CA ASP C 153 -1.24 -27.18 11.84
C ASP C 153 -1.62 -26.09 12.82
N ILE C 154 -2.82 -25.55 12.67
CA ILE C 154 -3.28 -24.48 13.53
C ILE C 154 -3.10 -24.80 15.03
N ARG C 155 -3.14 -26.07 15.37
CA ARG C 155 -3.00 -26.48 16.76
C ARG C 155 -1.69 -26.04 17.39
N GLU C 156 -0.65 -25.96 16.58
CA GLU C 156 0.64 -25.54 17.09
C GLU C 156 0.87 -24.04 17.00
N ARG C 157 -0.11 -23.31 16.52
CA ARG C 157 0.08 -21.88 16.36
C ARG C 157 -0.57 -20.95 17.37
N TRP C 158 -0.12 -19.71 17.35
CA TRP C 158 -0.71 -18.69 18.19
C TRP C 158 -1.73 -18.14 17.17
N VAL C 159 -2.92 -17.77 17.63
CA VAL C 159 -3.89 -17.25 16.74
C VAL C 159 -4.46 -15.87 17.03
N MET C 160 -4.47 -15.03 16.01
CA MET C 160 -5.02 -13.69 16.12
C MET C 160 -6.41 -13.86 15.55
N LEU C 161 -7.40 -13.90 16.43
CA LEU C 161 -8.81 -14.07 16.07
C LEU C 161 -9.33 -12.67 15.80
N LEU C 162 -9.81 -12.42 14.59
CA LEU C 162 -10.28 -11.07 14.22
C LEU C 162 -11.77 -10.89 14.05
N ASP C 163 -12.32 -9.93 14.78
CA ASP C 163 -13.75 -9.64 14.65
C ASP C 163 -13.91 -8.25 15.20
N PRO C 164 -14.26 -7.29 14.36
CA PRO C 164 -14.35 -5.92 14.84
C PRO C 164 -15.30 -5.54 15.97
N MET C 165 -16.43 -6.24 16.08
CA MET C 165 -17.41 -5.90 17.10
C MET C 165 -17.65 -7.09 17.97
N CYS C 166 -17.76 -6.85 19.26
CA CYS C 166 -18.00 -7.94 20.18
C CYS C 166 -19.16 -7.45 21.02
N ALA C 167 -20.36 -7.83 20.62
CA ALA C 167 -21.55 -7.39 21.30
C ALA C 167 -22.04 -8.38 22.35
N THR C 168 -22.69 -9.46 21.92
CA THR C 168 -23.16 -10.45 22.88
C THR C 168 -22.04 -11.43 23.07
N ALA C 169 -21.12 -11.46 22.09
CA ALA C 169 -19.97 -12.36 22.12
C ALA C 169 -20.31 -13.81 21.75
N GLY C 170 -21.54 -14.03 21.31
CA GLY C 170 -21.93 -15.38 20.91
C GLY C 170 -21.07 -15.94 19.78
N SER C 171 -20.87 -15.16 18.72
CA SER C 171 -20.07 -15.64 17.60
C SER C 171 -18.62 -15.89 17.94
N VAL C 172 -18.02 -14.99 18.69
CA VAL C 172 -16.63 -15.24 19.00
C VAL C 172 -16.48 -16.46 19.91
N CYS C 173 -17.41 -16.62 20.85
CA CYS C 173 -17.31 -17.76 21.74
C CYS C 173 -17.41 -19.07 20.92
N LYS C 174 -18.26 -19.08 19.91
CA LYS C 174 -18.39 -20.26 19.07
C LYS C 174 -17.12 -20.42 18.25
N ALA C 175 -16.55 -19.33 17.80
CA ALA C 175 -15.33 -19.44 17.02
C ALA C 175 -14.27 -20.04 17.92
N ILE C 176 -14.25 -19.59 19.16
CA ILE C 176 -13.24 -20.12 20.08
C ILE C 176 -13.45 -21.59 20.36
N GLU C 177 -14.71 -21.96 20.57
CA GLU C 177 -15.02 -23.37 20.81
C GLU C 177 -14.43 -24.26 19.70
N VAL C 178 -14.69 -23.94 18.44
CA VAL C 178 -14.11 -24.80 17.41
C VAL C 178 -12.57 -24.81 17.39
N LEU C 179 -11.96 -23.66 17.64
CA LEU C 179 -10.50 -23.61 17.65
C LEU C 179 -10.01 -24.59 18.74
N LEU C 180 -10.63 -24.50 19.91
CA LEU C 180 -10.27 -25.36 21.02
C LEU C 180 -10.48 -26.82 20.62
N ARG C 181 -11.58 -27.09 19.94
CA ARG C 181 -11.85 -28.47 19.52
C ARG C 181 -10.74 -28.92 18.60
N LEU C 182 -10.29 -28.02 17.75
CA LEU C 182 -9.22 -28.36 16.83
C LEU C 182 -7.90 -28.58 17.51
N GLY C 183 -7.76 -28.17 18.77
CA GLY C 183 -6.49 -28.38 19.45
C GLY C 183 -5.65 -27.13 19.76
N VAL C 184 -6.19 -25.95 19.46
CA VAL C 184 -5.45 -24.72 19.74
C VAL C 184 -5.45 -24.50 21.28
N LYS C 185 -4.34 -24.06 21.86
CA LYS C 185 -4.34 -23.84 23.30
C LYS C 185 -4.97 -22.49 23.59
N GLU C 186 -5.96 -22.52 24.47
CA GLU C 186 -6.72 -21.34 24.86
C GLU C 186 -5.86 -20.10 25.15
N GLU C 187 -4.76 -20.31 25.85
CA GLU C 187 -3.88 -19.21 26.22
C GLU C 187 -3.08 -18.69 25.03
N ARG C 188 -3.22 -19.36 23.88
CA ARG C 188 -2.51 -18.90 22.70
C ARG C 188 -3.45 -18.15 21.75
N ILE C 189 -4.63 -17.79 22.24
CA ILE C 189 -5.58 -17.09 21.40
C ILE C 189 -5.58 -15.61 21.75
N ILE C 190 -5.42 -14.78 20.72
CA ILE C 190 -5.45 -13.33 20.93
C ILE C 190 -6.59 -12.78 20.09
N PHE C 191 -7.62 -12.32 20.77
CA PHE C 191 -8.80 -11.78 20.16
C PHE C 191 -8.55 -10.29 19.89
N VAL C 192 -8.50 -9.93 18.62
CA VAL C 192 -8.29 -8.55 18.19
C VAL C 192 -9.64 -7.95 17.84
N ASN C 193 -10.00 -6.88 18.55
CA ASN C 193 -11.30 -6.30 18.35
C ASN C 193 -11.29 -4.77 18.32
N ILE C 194 -12.23 -4.16 17.61
CA ILE C 194 -12.25 -2.70 17.57
C ILE C 194 -13.12 -2.10 18.69
N LEU C 195 -14.37 -2.56 18.73
CA LEU C 195 -15.37 -2.08 19.69
C LEU C 195 -16.07 -3.24 20.45
N ALA C 196 -16.14 -3.16 21.77
CA ALA C 196 -16.81 -4.19 22.55
C ALA C 196 -17.82 -3.61 23.53
N ALA C 197 -18.74 -4.45 24.01
CA ALA C 197 -19.74 -4.03 24.99
C ALA C 197 -19.32 -4.81 26.19
N PRO C 198 -19.44 -4.19 27.35
CA PRO C 198 -19.04 -4.82 28.60
C PRO C 198 -19.59 -6.22 28.74
N GLN C 199 -20.83 -6.38 28.32
CA GLN C 199 -21.51 -7.65 28.40
C GLN C 199 -20.78 -8.73 27.59
N GLY C 200 -20.34 -8.36 26.39
CA GLY C 200 -19.64 -9.30 25.55
C GLY C 200 -18.32 -9.66 26.20
N ILE C 201 -17.64 -8.66 26.73
CA ILE C 201 -16.37 -8.92 27.38
C ILE C 201 -16.53 -9.91 28.52
N GLU C 202 -17.52 -9.66 29.36
CA GLU C 202 -17.74 -10.57 30.49
C GLU C 202 -17.97 -11.99 30.02
N ARG C 203 -18.76 -12.18 28.94
CA ARG C 203 -18.98 -13.55 28.52
C ARG C 203 -17.74 -14.25 28.05
N VAL C 204 -16.94 -13.56 27.25
CA VAL C 204 -15.74 -14.20 26.74
C VAL C 204 -14.86 -14.68 27.90
N PHE C 205 -14.66 -13.82 28.90
CA PHE C 205 -13.84 -14.21 30.03
C PHE C 205 -14.47 -15.23 30.98
N LYS C 206 -15.79 -15.28 31.04
CA LYS C 206 -16.43 -16.27 31.89
C LYS C 206 -16.17 -17.65 31.24
N GLU C 207 -16.21 -17.70 29.92
CA GLU C 207 -16.02 -18.96 29.21
C GLU C 207 -14.62 -19.38 28.90
N TYR C 208 -13.75 -18.45 28.57
CA TYR C 208 -12.36 -18.80 28.24
C TYR C 208 -11.43 -17.78 28.88
N PRO C 209 -11.29 -17.90 30.20
CA PRO C 209 -10.46 -16.99 30.99
C PRO C 209 -9.02 -16.79 30.54
N LYS C 210 -8.49 -17.77 29.82
CA LYS C 210 -7.11 -17.70 29.37
C LYS C 210 -6.82 -16.92 28.07
N VAL C 211 -7.83 -16.61 27.28
CA VAL C 211 -7.53 -15.88 26.07
C VAL C 211 -7.16 -14.44 26.43
N ARG C 212 -6.57 -13.72 25.49
CA ARG C 212 -6.19 -12.33 25.71
C ARG C 212 -7.05 -11.56 24.73
N MET C 213 -7.44 -10.34 25.08
CA MET C 213 -8.26 -9.55 24.19
C MET C 213 -7.67 -8.14 24.04
N VAL C 214 -7.60 -7.66 22.81
CA VAL C 214 -7.08 -6.33 22.56
C VAL C 214 -8.19 -5.55 21.88
N THR C 215 -8.60 -4.44 22.45
CA THR C 215 -9.70 -3.69 21.81
C THR C 215 -9.35 -2.22 21.78
N ALA C 216 -10.06 -1.48 20.95
CA ALA C 216 -9.79 -0.04 20.87
C ALA C 216 -10.80 0.73 21.66
N ALA C 217 -11.94 0.11 21.98
CA ALA C 217 -12.95 0.87 22.71
C ALA C 217 -14.02 0.00 23.36
N VAL C 218 -14.54 0.48 24.49
CA VAL C 218 -15.61 -0.20 25.22
C VAL C 218 -16.75 0.80 25.30
N ASP C 219 -17.94 0.42 24.84
CA ASP C 219 -19.11 1.29 24.85
C ASP C 219 -19.96 1.00 26.07
N ILE C 220 -21.07 1.71 26.23
CA ILE C 220 -21.94 1.51 27.40
C ILE C 220 -22.87 0.32 27.36
N CYS C 221 -23.61 0.19 26.28
CA CYS C 221 -24.53 -0.93 26.20
C CYS C 221 -24.87 -1.43 24.82
N LEU C 222 -25.76 -2.40 24.86
CA LEU C 222 -26.23 -3.11 23.71
C LEU C 222 -27.75 -2.88 23.64
N ASN C 223 -28.31 -2.86 22.43
CA ASN C 223 -29.76 -2.64 22.31
C ASN C 223 -30.51 -3.94 21.98
N SER C 224 -31.82 -3.88 22.05
CA SER C 224 -32.70 -5.01 21.78
C SER C 224 -32.35 -5.73 20.49
N ARG C 225 -31.83 -4.98 19.52
CA ARG C 225 -31.46 -5.57 18.24
C ARG C 225 -30.00 -5.99 18.29
N TYR C 226 -29.44 -5.92 19.49
CA TYR C 226 -28.07 -6.37 19.63
C TYR C 226 -26.95 -5.52 19.07
N TYR C 227 -27.23 -4.25 18.92
CA TYR C 227 -26.21 -3.35 18.44
C TYR C 227 -25.59 -2.65 19.65
N ILE C 228 -24.28 -2.43 19.59
CA ILE C 228 -23.55 -1.75 20.67
C ILE C 228 -23.90 -0.27 20.55
N VAL C 229 -24.10 0.39 21.68
CA VAL C 229 -24.43 1.80 21.62
C VAL C 229 -23.50 2.55 22.58
N PRO C 230 -23.11 3.78 22.23
CA PRO C 230 -23.54 4.47 21.02
C PRO C 230 -23.11 3.75 19.75
N GLY C 231 -22.14 2.87 19.88
CA GLY C 231 -21.63 2.04 18.78
C GLY C 231 -21.25 2.63 17.43
N ILE C 232 -21.36 1.80 16.40
CA ILE C 232 -20.96 2.21 15.05
C ILE C 232 -21.92 1.69 13.95
N GLY C 233 -22.95 0.97 14.36
CA GLY C 233 -23.86 0.44 13.37
C GLY C 233 -23.29 -0.91 12.94
N ASP C 234 -23.65 -1.35 11.73
CA ASP C 234 -23.15 -2.64 11.26
C ASP C 234 -21.81 -2.46 10.58
N PHE C 235 -20.75 -2.88 11.25
CA PHE C 235 -19.42 -2.72 10.71
C PHE C 235 -19.27 -3.33 9.33
N GLY C 236 -19.72 -4.57 9.23
CA GLY C 236 -19.70 -5.32 7.97
C GLY C 236 -20.37 -4.60 6.81
N ASP C 237 -21.63 -4.19 6.93
CA ASP C 237 -22.12 -3.50 5.74
C ASP C 237 -21.45 -2.19 5.48
N ARG C 238 -21.09 -1.48 6.55
CA ARG C 238 -20.48 -0.18 6.37
C ARG C 238 -19.17 -0.36 5.66
N TYR C 239 -18.37 -1.31 6.10
CA TYR C 239 -17.08 -1.54 5.47
C TYR C 239 -17.11 -2.05 4.00
N PHE C 240 -17.95 -3.05 3.73
CA PHE C 240 -18.05 -3.65 2.39
C PHE C 240 -19.04 -2.95 1.49
N GLY C 241 -19.78 -2.01 2.06
CA GLY C 241 -20.75 -1.21 1.33
C GLY C 241 -22.01 -1.94 0.92
N THR C 242 -22.42 -2.93 1.70
CA THR C 242 -23.63 -3.66 1.35
C THR C 242 -24.75 -3.16 2.23
N MET C 243 -24.67 -1.93 2.69
CA MET C 243 -25.74 -1.44 3.54
C MET C 243 -26.73 -0.72 2.63
N GLN D 20 -4.73 14.25 -36.01
CA GLN D 20 -3.78 15.17 -35.37
C GLN D 20 -2.80 14.46 -34.43
N GLU D 21 -3.27 14.08 -33.25
CA GLU D 21 -2.40 13.38 -32.32
C GLU D 21 -1.92 12.11 -33.02
N GLU D 22 -2.79 11.52 -33.82
CA GLU D 22 -2.39 10.31 -34.53
C GLU D 22 -1.26 10.56 -35.51
N SER D 23 -1.27 11.72 -36.15
CA SER D 23 -0.22 12.02 -37.10
C SER D 23 1.10 12.02 -36.34
N ILE D 24 1.18 12.94 -35.38
CA ILE D 24 2.35 13.12 -34.55
C ILE D 24 2.84 11.78 -34.04
N LEU D 25 1.94 11.01 -33.47
CA LEU D 25 2.32 9.72 -32.94
C LEU D 25 2.93 8.81 -33.97
N GLN D 26 2.38 8.82 -35.16
CA GLN D 26 2.90 7.96 -36.21
C GLN D 26 4.33 8.28 -36.60
N ASP D 27 4.63 9.58 -36.67
CA ASP D 27 5.94 10.11 -37.03
C ASP D 27 6.99 9.65 -36.03
N ILE D 28 6.69 9.94 -34.77
CA ILE D 28 7.56 9.60 -33.65
C ILE D 28 7.81 8.11 -33.63
N ILE D 29 6.71 7.35 -33.72
CA ILE D 29 6.79 5.89 -33.72
C ILE D 29 7.64 5.42 -34.88
N THR D 30 7.52 6.11 -36.01
CA THR D 30 8.29 5.75 -37.17
C THR D 30 9.76 6.15 -37.15
N ARG D 31 10.01 7.36 -36.67
CA ARG D 31 11.36 7.89 -36.61
C ARG D 31 12.19 7.44 -35.44
N PHE D 32 11.51 7.18 -34.33
CA PHE D 32 12.19 6.78 -33.11
C PHE D 32 11.80 5.40 -32.66
N PRO D 33 12.53 4.44 -33.21
CA PRO D 33 12.30 3.06 -32.94
C PRO D 33 12.53 2.66 -31.47
N ASN D 34 13.15 3.52 -30.68
CA ASN D 34 13.41 3.18 -29.30
C ASN D 34 12.40 3.70 -28.32
N VAL D 35 11.34 4.31 -28.82
CA VAL D 35 10.33 4.78 -27.89
C VAL D 35 9.19 3.79 -27.87
N VAL D 36 8.68 3.54 -26.68
CA VAL D 36 7.58 2.63 -26.47
C VAL D 36 6.50 3.50 -25.90
N LEU D 37 5.40 3.62 -26.64
CA LEU D 37 4.28 4.44 -26.20
C LEU D 37 3.42 3.44 -25.47
N MET D 38 2.83 3.80 -24.34
CA MET D 38 1.99 2.80 -23.75
C MET D 38 0.62 2.75 -24.45
N LYS D 39 0.00 1.57 -24.40
CA LYS D 39 -1.29 1.35 -25.04
C LYS D 39 -2.23 2.42 -24.59
N GLN D 40 -2.78 3.14 -25.55
CA GLN D 40 -3.68 4.21 -25.25
C GLN D 40 -5.07 3.68 -25.00
N THR D 41 -5.31 3.22 -23.78
CA THR D 41 -6.60 2.67 -23.42
C THR D 41 -7.50 3.76 -22.87
N ALA D 42 -8.79 3.44 -22.85
CA ALA D 42 -9.80 4.37 -22.34
C ALA D 42 -9.47 4.70 -20.88
N GLN D 43 -8.97 3.73 -20.16
CA GLN D 43 -8.63 3.96 -18.79
C GLN D 43 -7.47 4.94 -18.70
N LEU D 44 -6.43 4.67 -19.49
CA LEU D 44 -5.25 5.53 -19.49
C LEU D 44 -5.72 6.93 -19.78
N ARG D 45 -6.53 7.06 -20.82
CA ARG D 45 -7.03 8.36 -21.15
C ARG D 45 -7.80 9.01 -20.00
N ALA D 46 -8.72 8.28 -19.36
CA ALA D 46 -9.49 8.86 -18.23
C ALA D 46 -8.57 9.31 -17.11
N MET D 47 -7.50 8.56 -16.89
CA MET D 47 -6.56 8.92 -15.85
C MET D 47 -5.87 10.22 -16.31
N MET D 48 -5.42 10.24 -17.56
CA MET D 48 -4.77 11.45 -18.09
C MET D 48 -5.77 12.60 -17.98
N THR D 49 -7.05 12.34 -18.25
CA THR D 49 -7.94 13.46 -18.12
C THR D 49 -8.10 14.06 -16.74
N ILE D 50 -7.95 13.24 -15.70
CA ILE D 50 -8.08 13.79 -14.35
C ILE D 50 -6.82 14.54 -13.97
N ILE D 51 -5.66 13.96 -14.22
CA ILE D 51 -4.41 14.62 -13.85
C ILE D 51 -4.11 15.89 -14.67
N ARG D 52 -4.64 15.98 -15.90
CA ARG D 52 -4.40 17.18 -16.70
C ARG D 52 -5.38 18.29 -16.28
N ASP D 53 -6.56 17.92 -15.77
CA ASP D 53 -7.55 18.91 -15.36
C ASP D 53 -7.04 19.88 -14.32
N LYS D 54 -7.10 21.17 -14.65
CA LYS D 54 -6.64 22.21 -13.75
C LYS D 54 -7.50 22.26 -12.49
N GLU D 55 -8.74 21.79 -12.60
CA GLU D 55 -9.65 21.79 -11.47
C GLU D 55 -9.44 20.64 -10.46
N THR D 56 -8.69 19.62 -10.86
CA THR D 56 -8.44 18.48 -9.97
C THR D 56 -7.78 18.80 -8.61
N PRO D 57 -8.38 18.34 -7.52
CA PRO D 57 -7.81 18.57 -6.18
C PRO D 57 -6.58 17.72 -5.95
N LYS D 58 -5.64 18.24 -5.17
CA LYS D 58 -4.40 17.53 -4.90
C LYS D 58 -4.46 16.08 -4.50
N GLU D 59 -5.43 15.72 -3.66
CA GLU D 59 -5.55 14.33 -3.23
C GLU D 59 -5.87 13.44 -4.44
N GLU D 60 -6.79 13.91 -5.26
CA GLU D 60 -7.18 13.17 -6.44
C GLU D 60 -6.00 13.12 -7.40
N PHE D 61 -5.31 14.25 -7.54
CA PHE D 61 -4.17 14.33 -8.42
C PHE D 61 -3.17 13.24 -8.03
N VAL D 62 -2.83 13.21 -6.75
CA VAL D 62 -1.88 12.21 -6.27
C VAL D 62 -2.35 10.77 -6.45
N PHE D 63 -3.60 10.49 -6.14
CA PHE D 63 -4.08 9.11 -6.27
C PHE D 63 -3.94 8.61 -7.70
N TYR D 64 -4.46 9.37 -8.64
CA TYR D 64 -4.37 8.97 -10.04
C TYR D 64 -2.99 8.94 -10.65
N ALA D 65 -2.13 9.89 -10.30
CA ALA D 65 -0.78 9.88 -10.88
C ALA D 65 -0.12 8.59 -10.45
N ASP D 66 -0.31 8.28 -9.16
CA ASP D 66 0.28 7.09 -8.60
C ASP D 66 -0.23 5.88 -9.36
N ARG D 67 -1.54 5.86 -9.63
CA ARG D 67 -2.09 4.71 -10.34
C ARG D 67 -1.45 4.57 -11.71
N LEU D 68 -1.31 5.71 -12.39
CA LEU D 68 -0.74 5.73 -13.71
C LEU D 68 0.72 5.35 -13.68
N ILE D 69 1.44 5.88 -12.72
CA ILE D 69 2.86 5.55 -12.64
C ILE D 69 3.06 4.04 -12.49
N ARG D 70 2.16 3.42 -11.76
CA ARG D 70 2.27 2.00 -11.57
C ARG D 70 2.22 1.24 -12.90
N LEU D 71 1.28 1.60 -13.75
CA LEU D 71 1.16 0.95 -15.04
C LEU D 71 2.37 1.26 -15.91
N LEU D 72 2.85 2.50 -15.85
CA LEU D 72 4.02 2.90 -16.66
C LEU D 72 5.22 2.06 -16.24
N ILE D 73 5.43 1.95 -14.94
CA ILE D 73 6.57 1.16 -14.48
C ILE D 73 6.45 -0.29 -14.93
N GLU D 74 5.23 -0.85 -14.87
CA GLU D 74 5.10 -2.24 -15.28
C GLU D 74 5.47 -2.30 -16.76
N GLU D 75 5.03 -1.33 -17.53
CA GLU D 75 5.34 -1.35 -18.95
C GLU D 75 6.85 -1.33 -19.17
N ALA D 76 7.51 -0.40 -18.49
CA ALA D 76 8.95 -0.23 -18.59
C ALA D 76 9.74 -1.49 -18.25
N LEU D 77 9.28 -2.21 -17.24
CA LEU D 77 10.04 -3.38 -16.86
C LEU D 77 10.15 -4.37 -17.98
N ASN D 78 9.27 -4.28 -18.98
CA ASN D 78 9.37 -5.24 -20.06
C ASN D 78 10.60 -5.01 -20.93
N GLU D 79 11.30 -3.90 -20.71
CA GLU D 79 12.48 -3.57 -21.52
C GLU D 79 13.74 -4.27 -21.09
N LEU D 80 13.69 -4.89 -19.93
CA LEU D 80 14.85 -5.57 -19.42
C LEU D 80 14.99 -6.91 -20.10
N PRO D 81 16.18 -7.44 -20.07
CA PRO D 81 16.46 -8.72 -20.68
C PRO D 81 16.00 -9.84 -19.74
N PHE D 82 15.57 -10.95 -20.31
CA PHE D 82 15.14 -12.07 -19.49
C PHE D 82 15.68 -13.34 -20.11
N GLN D 83 15.76 -14.40 -19.34
CA GLN D 83 16.28 -15.64 -19.85
C GLN D 83 15.22 -16.46 -20.53
N LYS D 84 14.99 -17.62 -19.93
CA LYS D 84 14.01 -18.65 -20.28
C LYS D 84 14.16 -19.54 -19.05
N LYS D 85 13.04 -19.97 -18.49
CA LYS D 85 13.09 -20.80 -17.28
C LYS D 85 11.93 -21.80 -17.21
N GLU D 86 12.27 -23.02 -16.85
CA GLU D 86 11.25 -24.06 -16.74
C GLU D 86 11.04 -24.38 -15.27
N VAL D 87 9.79 -24.50 -14.89
CA VAL D 87 9.49 -24.84 -13.52
C VAL D 87 8.49 -25.97 -13.56
N THR D 88 8.35 -26.62 -12.43
CA THR D 88 7.39 -27.69 -12.34
C THR D 88 6.28 -27.21 -11.43
N THR D 89 5.08 -27.37 -11.95
CA THR D 89 3.86 -26.96 -11.32
C THR D 89 3.44 -27.95 -10.21
N PRO D 90 2.46 -27.59 -9.38
CA PRO D 90 2.04 -28.53 -8.34
C PRO D 90 1.46 -29.79 -8.98
N LEU D 91 0.95 -29.67 -10.19
CA LEU D 91 0.40 -30.80 -10.90
C LEU D 91 1.56 -31.67 -11.35
N ASP D 92 2.76 -31.33 -10.91
CA ASP D 92 3.94 -32.10 -11.26
C ASP D 92 4.25 -32.18 -12.73
N VAL D 93 3.83 -31.17 -13.47
CA VAL D 93 4.10 -31.09 -14.89
C VAL D 93 5.01 -29.85 -14.99
N SER D 94 5.77 -29.76 -16.06
CA SER D 94 6.66 -28.64 -16.21
C SER D 94 6.02 -27.48 -16.97
N TYR D 95 6.50 -26.27 -16.73
CA TYR D 95 5.94 -25.09 -17.39
C TYR D 95 7.11 -24.29 -17.94
N HIS D 96 6.93 -23.76 -19.15
CA HIS D 96 7.98 -22.98 -19.75
C HIS D 96 7.80 -21.52 -19.56
N GLY D 97 8.62 -20.98 -18.68
CA GLY D 97 8.55 -19.57 -18.35
C GLY D 97 9.79 -18.79 -18.67
N VAL D 98 9.96 -17.70 -17.93
CA VAL D 98 11.09 -16.83 -18.12
C VAL D 98 11.40 -16.19 -16.77
N SER D 99 12.60 -15.66 -16.65
CA SER D 99 13.06 -15.01 -15.44
C SER D 99 13.94 -13.83 -15.86
N PHE D 100 13.93 -12.80 -15.05
CA PHE D 100 14.73 -11.61 -15.31
C PHE D 100 15.93 -11.70 -14.39
N TYR D 101 17.13 -11.64 -14.96
CA TYR D 101 18.39 -11.79 -14.22
C TYR D 101 19.33 -10.59 -14.15
N SER D 102 18.89 -9.40 -14.56
CA SER D 102 19.80 -8.25 -14.51
C SER D 102 19.88 -7.47 -13.20
N LYS D 103 21.00 -6.77 -12.98
CA LYS D 103 21.12 -5.97 -11.77
C LYS D 103 20.54 -4.66 -12.25
N ILE D 104 19.60 -4.12 -11.48
CA ILE D 104 18.98 -2.85 -11.85
C ILE D 104 18.95 -1.80 -10.72
N CYS D 105 18.46 -0.61 -11.02
CA CYS D 105 18.34 0.43 -10.03
C CYS D 105 17.50 1.51 -10.65
N GLY D 106 16.90 2.33 -9.80
CA GLY D 106 16.07 3.42 -10.29
C GLY D 106 16.87 4.66 -9.97
N VAL D 107 16.79 5.67 -10.84
CA VAL D 107 17.49 6.95 -10.63
C VAL D 107 16.46 8.02 -10.90
N SER D 108 16.14 8.82 -9.88
CA SER D 108 15.16 9.85 -10.09
C SER D 108 15.81 11.21 -10.28
N ILE D 109 15.15 12.06 -11.06
CA ILE D 109 15.64 13.38 -11.30
C ILE D 109 14.84 14.22 -10.30
N VAL D 110 15.53 14.66 -9.26
CA VAL D 110 14.90 15.45 -8.19
C VAL D 110 14.34 16.74 -8.78
N ARG D 111 13.12 17.15 -8.41
CA ARG D 111 12.20 16.50 -7.45
C ARG D 111 11.18 15.60 -8.15
N ALA D 112 10.69 16.11 -9.27
CA ALA D 112 9.65 15.42 -10.04
C ALA D 112 9.84 13.94 -10.20
N GLY D 113 11.05 13.54 -10.57
CA GLY D 113 11.33 12.13 -10.75
C GLY D 113 11.04 11.39 -9.46
N GLU D 114 11.16 12.06 -8.32
CA GLU D 114 10.94 11.37 -7.04
C GLU D 114 9.55 10.76 -6.86
N SER D 115 8.55 11.41 -7.46
CA SER D 115 7.16 10.93 -7.40
C SER D 115 7.06 9.52 -7.93
N MET D 116 8.00 9.10 -8.76
CA MET D 116 7.92 7.78 -9.34
C MET D 116 8.60 6.68 -8.55
N GLU D 117 9.35 7.07 -7.54
CA GLU D 117 10.05 6.08 -6.75
C GLU D 117 9.16 5.11 -6.02
N SER D 118 8.00 5.59 -5.58
CA SER D 118 7.06 4.75 -4.81
C SER D 118 6.58 3.64 -5.68
N GLY D 119 6.29 4.00 -6.91
CA GLY D 119 5.82 3.00 -7.84
C GLY D 119 6.86 1.93 -8.08
N LEU D 120 8.10 2.35 -8.28
CA LEU D 120 9.14 1.38 -8.56
C LEU D 120 9.37 0.46 -7.39
N ARG D 121 9.37 1.05 -6.20
CA ARG D 121 9.58 0.27 -4.98
C ARG D 121 8.40 -0.62 -4.73
N ALA D 122 7.24 -0.26 -5.28
CA ALA D 122 6.06 -1.07 -5.06
C ALA D 122 6.18 -2.38 -5.78
N VAL D 123 6.77 -2.34 -6.97
CA VAL D 123 6.87 -3.56 -7.75
C VAL D 123 8.19 -4.27 -7.65
N CYS D 124 9.21 -3.53 -7.25
CA CYS D 124 10.55 -4.11 -7.08
C CYS D 124 10.99 -3.83 -5.63
N ARG D 125 10.65 -4.72 -4.72
CA ARG D 125 11.00 -4.52 -3.32
C ARG D 125 12.48 -4.21 -3.07
N GLY D 126 12.77 -3.17 -2.32
CA GLY D 126 14.16 -2.85 -2.02
C GLY D 126 15.11 -2.51 -3.18
N VAL D 127 14.55 -2.17 -4.34
CA VAL D 127 15.40 -1.82 -5.48
C VAL D 127 16.24 -0.61 -5.07
N ARG D 128 17.47 -0.55 -5.55
CA ARG D 128 18.32 0.58 -5.21
C ARG D 128 17.83 1.84 -5.93
N ILE D 129 17.88 2.97 -5.26
CA ILE D 129 17.43 4.24 -5.83
C ILE D 129 18.54 5.29 -5.79
N GLY D 130 18.95 5.82 -6.93
CA GLY D 130 19.97 6.87 -6.99
C GLY D 130 19.19 8.17 -7.18
N LYS D 131 19.80 9.30 -6.85
CA LYS D 131 19.14 10.61 -7.01
C LYS D 131 20.10 11.59 -7.68
N ILE D 132 19.57 12.42 -8.59
CA ILE D 132 20.37 13.43 -9.31
C ILE D 132 19.59 14.73 -9.32
N LEU D 133 20.16 15.77 -8.74
CA LEU D 133 19.48 17.06 -8.73
C LEU D 133 20.19 17.92 -9.76
N ILE D 134 19.45 18.31 -10.79
CA ILE D 134 20.01 19.13 -11.85
C ILE D 134 19.23 20.41 -11.84
N GLN D 135 19.91 21.55 -11.90
CA GLN D 135 19.16 22.80 -11.91
C GLN D 135 19.67 23.76 -12.98
N ARG D 136 18.79 24.54 -13.58
CA ARG D 136 19.27 25.49 -14.59
C ARG D 136 19.74 26.78 -13.94
N ASP D 137 20.91 27.28 -14.33
CA ASP D 137 21.44 28.54 -13.79
C ASP D 137 20.38 29.61 -14.06
N GLU D 138 20.03 30.36 -13.03
CA GLU D 138 19.00 31.40 -13.14
C GLU D 138 19.20 32.55 -14.11
N THR D 139 20.42 32.70 -14.60
CA THR D 139 20.69 33.78 -15.52
C THR D 139 20.95 33.13 -16.85
N THR D 140 21.91 32.24 -16.75
CA THR D 140 22.45 31.48 -17.83
C THR D 140 21.54 30.43 -18.45
N ALA D 141 20.56 29.96 -17.69
CA ALA D 141 19.62 28.96 -18.19
C ALA D 141 20.17 27.58 -18.35
N GLU D 142 21.45 27.37 -18.08
CA GLU D 142 21.90 26.02 -18.27
C GLU D 142 21.88 25.06 -17.10
N PRO D 143 21.81 23.80 -17.46
CA PRO D 143 21.74 22.69 -16.54
C PRO D 143 23.05 22.39 -15.90
N LYS D 144 23.04 22.42 -14.58
CA LYS D 144 24.22 22.12 -13.84
C LYS D 144 23.83 20.99 -12.91
N LEU D 145 24.78 20.14 -12.62
CA LEU D 145 24.53 19.04 -11.73
C LEU D 145 24.73 19.66 -10.33
N ILE D 146 23.71 19.69 -9.50
CA ILE D 146 23.83 20.27 -8.16
C ILE D 146 24.14 19.26 -7.07
N TYR D 147 23.58 18.07 -7.19
CA TYR D 147 23.76 17.03 -6.18
C TYR D 147 23.46 15.67 -6.79
N GLU D 148 24.17 14.66 -6.33
CA GLU D 148 23.92 13.32 -6.84
C GLU D 148 24.32 12.32 -5.75
N LYS D 149 23.62 11.20 -5.68
CA LYS D 149 23.90 10.16 -4.69
C LYS D 149 23.46 8.88 -5.37
N LEU D 150 24.43 8.15 -5.89
CA LEU D 150 24.16 6.91 -6.63
C LEU D 150 24.81 5.69 -6.04
N PRO D 151 24.32 4.53 -6.44
CA PRO D 151 24.87 3.28 -5.96
C PRO D 151 26.27 3.15 -6.51
N ALA D 152 27.15 2.62 -5.69
CA ALA D 152 28.54 2.45 -6.06
C ALA D 152 28.80 1.64 -7.30
N ASP D 153 27.96 0.67 -7.60
CA ASP D 153 28.24 -0.15 -8.76
C ASP D 153 27.28 0.11 -9.90
N ILE D 154 26.74 1.32 -9.95
CA ILE D 154 25.78 1.65 -10.98
C ILE D 154 26.31 1.34 -12.36
N ARG D 155 27.61 1.43 -12.51
CA ARG D 155 28.23 1.15 -13.81
C ARG D 155 27.85 -0.24 -14.31
N GLU D 156 27.59 -1.16 -13.39
CA GLU D 156 27.24 -2.51 -13.77
C GLU D 156 25.73 -2.82 -13.86
N ARG D 157 24.88 -1.81 -13.85
CA ARG D 157 23.45 -2.11 -13.90
C ARG D 157 22.62 -1.41 -14.93
N TRP D 158 21.38 -1.86 -15.03
CA TRP D 158 20.42 -1.25 -15.92
C TRP D 158 19.84 -0.12 -15.11
N VAL D 159 19.73 1.04 -15.73
CA VAL D 159 19.20 2.19 -15.05
C VAL D 159 17.79 2.60 -15.53
N MET D 160 16.85 2.64 -14.59
CA MET D 160 15.47 3.07 -14.85
C MET D 160 15.56 4.57 -14.49
N LEU D 161 15.67 5.43 -15.50
CA LEU D 161 15.78 6.86 -15.28
C LEU D 161 14.37 7.45 -15.21
N LEU D 162 14.04 8.08 -14.08
CA LEU D 162 12.69 8.64 -13.85
C LEU D 162 12.49 10.16 -13.87
N ASP D 163 11.63 10.63 -14.75
CA ASP D 163 11.34 12.05 -14.84
C ASP D 163 10.00 12.12 -15.59
N PRO D 164 8.93 12.55 -14.91
CA PRO D 164 7.58 12.62 -15.51
C PRO D 164 7.40 13.43 -16.77
N MET D 165 8.14 14.51 -16.90
CA MET D 165 8.00 15.33 -18.08
C MET D 165 9.28 15.44 -18.86
N CYS D 166 9.10 15.67 -20.16
CA CYS D 166 10.21 15.83 -21.06
C CYS D 166 9.79 16.91 -22.05
N ALA D 167 10.25 18.13 -21.81
CA ALA D 167 9.91 19.26 -22.65
C ALA D 167 11.03 19.51 -23.66
N THR D 168 12.06 20.27 -23.28
CA THR D 168 13.20 20.51 -24.19
C THR D 168 14.22 19.37 -24.05
N ALA D 169 14.10 18.58 -22.99
CA ALA D 169 15.02 17.46 -22.75
C ALA D 169 16.38 17.90 -22.25
N GLY D 170 16.47 19.15 -21.83
CA GLY D 170 17.74 19.66 -21.31
C GLY D 170 18.17 18.91 -20.04
N SER D 171 17.24 18.80 -19.10
CA SER D 171 17.55 18.14 -17.84
C SER D 171 17.86 16.69 -18.07
N VAL D 172 17.01 15.99 -18.79
CA VAL D 172 17.32 14.60 -19.00
C VAL D 172 18.64 14.38 -19.72
N CYS D 173 18.93 15.21 -20.71
CA CYS D 173 20.19 15.01 -21.40
C CYS D 173 21.36 15.20 -20.42
N LYS D 174 21.25 16.16 -19.50
CA LYS D 174 22.34 16.33 -18.53
C LYS D 174 22.42 15.11 -17.62
N ALA D 175 21.28 14.60 -17.17
CA ALA D 175 21.28 13.44 -16.27
C ALA D 175 21.98 12.29 -16.97
N ILE D 176 21.65 12.10 -18.25
CA ILE D 176 22.30 11.02 -19.00
C ILE D 176 23.83 11.26 -19.11
N GLU D 177 24.25 12.49 -19.37
CA GLU D 177 25.69 12.76 -19.45
C GLU D 177 26.38 12.30 -18.15
N VAL D 178 25.82 12.69 -17.01
CA VAL D 178 26.45 12.26 -15.78
C VAL D 178 26.53 10.78 -15.59
N LEU D 179 25.47 10.04 -15.93
CA LEU D 179 25.52 8.59 -15.77
C LEU D 179 26.59 7.98 -16.67
N LEU D 180 26.70 8.50 -17.89
CA LEU D 180 27.69 7.98 -18.82
C LEU D 180 29.12 8.22 -18.32
N ARG D 181 29.33 9.32 -17.59
CA ARG D 181 30.65 9.67 -17.06
C ARG D 181 31.03 8.71 -15.96
N LEU D 182 30.02 8.10 -15.35
CA LEU D 182 30.25 7.15 -14.27
C LEU D 182 30.46 5.75 -14.82
N GLY D 183 30.31 5.59 -16.12
CA GLY D 183 30.51 4.27 -16.70
C GLY D 183 29.24 3.49 -17.03
N VAL D 184 28.07 4.11 -16.85
CA VAL D 184 26.83 3.42 -17.19
C VAL D 184 26.82 3.25 -18.72
N LYS D 185 26.36 2.11 -19.22
CA LYS D 185 26.32 1.88 -20.69
C LYS D 185 25.04 2.54 -21.25
N GLU D 186 25.17 3.36 -22.29
CA GLU D 186 24.04 4.04 -22.89
C GLU D 186 22.86 3.12 -23.19
N GLU D 187 23.17 1.97 -23.76
CA GLU D 187 22.12 1.05 -24.11
C GLU D 187 21.45 0.42 -22.89
N ARG D 188 21.87 0.77 -21.68
CA ARG D 188 21.23 0.16 -20.51
C ARG D 188 20.37 1.12 -19.70
N ILE D 189 20.09 2.27 -20.29
CA ILE D 189 19.30 3.26 -19.63
C ILE D 189 17.91 3.19 -20.20
N ILE D 190 16.90 3.12 -19.34
CA ILE D 190 15.52 3.08 -19.80
C ILE D 190 14.90 4.33 -19.18
N PHE D 191 14.63 5.32 -20.03
CA PHE D 191 14.07 6.58 -19.61
C PHE D 191 12.57 6.40 -19.50
N VAL D 192 12.07 6.48 -18.27
CA VAL D 192 10.65 6.29 -17.99
C VAL D 192 10.00 7.67 -17.84
N ASN D 193 9.01 7.95 -18.67
CA ASN D 193 8.41 9.28 -18.66
C ASN D 193 6.90 9.25 -18.78
N ILE D 194 6.23 10.25 -18.27
CA ILE D 194 4.79 10.29 -18.35
C ILE D 194 4.36 11.05 -19.61
N LEU D 195 4.78 12.30 -19.70
CA LEU D 195 4.44 13.19 -20.81
C LEU D 195 5.68 13.74 -21.52
N ALA D 196 5.62 13.80 -22.84
CA ALA D 196 6.75 14.31 -23.60
C ALA D 196 6.30 15.18 -24.77
N ALA D 197 7.20 16.03 -25.24
CA ALA D 197 6.93 16.87 -26.39
C ALA D 197 7.80 16.25 -27.49
N PRO D 198 7.39 16.38 -28.74
CA PRO D 198 8.15 15.80 -29.82
C PRO D 198 9.58 16.30 -29.88
N GLN D 199 9.76 17.59 -29.63
CA GLN D 199 11.11 18.12 -29.68
C GLN D 199 12.02 17.49 -28.63
N GLY D 200 11.49 17.24 -27.44
CA GLY D 200 12.30 16.62 -26.40
C GLY D 200 12.74 15.25 -26.87
N ILE D 201 11.77 14.47 -27.35
CA ILE D 201 12.09 13.13 -27.83
C ILE D 201 13.18 13.19 -28.90
N GLU D 202 12.99 14.11 -29.82
CA GLU D 202 13.96 14.28 -30.89
C GLU D 202 15.35 14.56 -30.31
N ARG D 203 15.41 15.52 -29.40
CA ARG D 203 16.70 15.83 -28.83
C ARG D 203 17.36 14.65 -28.14
N VAL D 204 16.62 13.94 -27.29
CA VAL D 204 17.21 12.79 -26.57
C VAL D 204 17.92 11.84 -27.52
N PHE D 205 17.21 11.54 -28.59
CA PHE D 205 17.74 10.59 -29.55
C PHE D 205 18.84 11.14 -30.43
N LYS D 206 18.88 12.45 -30.56
CA LYS D 206 19.95 13.09 -31.33
C LYS D 206 21.21 12.83 -30.51
N GLU D 207 21.16 13.08 -29.20
CA GLU D 207 22.33 12.89 -28.34
C GLU D 207 22.63 11.48 -27.84
N TYR D 208 21.59 10.71 -27.55
CA TYR D 208 21.81 9.37 -27.05
C TYR D 208 20.86 8.43 -27.74
N PRO D 209 21.21 8.14 -28.98
CA PRO D 209 20.42 7.27 -29.83
C PRO D 209 20.18 5.90 -29.26
N LYS D 210 21.05 5.40 -28.40
CA LYS D 210 20.84 4.07 -27.86
C LYS D 210 20.01 3.90 -26.56
N VAL D 211 19.46 4.95 -25.96
CA VAL D 211 18.68 4.73 -24.74
C VAL D 211 17.30 4.25 -25.17
N ARG D 212 16.49 3.82 -24.22
CA ARG D 212 15.14 3.38 -24.57
C ARG D 212 14.28 4.35 -23.82
N MET D 213 13.11 4.64 -24.35
CA MET D 213 12.25 5.57 -23.65
C MET D 213 10.86 4.97 -23.61
N VAL D 214 10.23 4.96 -22.44
CA VAL D 214 8.87 4.45 -22.33
C VAL D 214 8.03 5.64 -21.89
N THR D 215 6.96 5.94 -22.59
CA THR D 215 6.18 7.09 -22.16
C THR D 215 4.70 6.82 -22.30
N ALA D 216 3.89 7.63 -21.63
CA ALA D 216 2.43 7.48 -21.67
C ALA D 216 1.68 8.43 -22.57
N ALA D 217 2.30 9.53 -22.96
CA ALA D 217 1.60 10.46 -23.84
C ALA D 217 2.61 11.33 -24.57
N VAL D 218 2.27 11.74 -25.78
CA VAL D 218 3.14 12.63 -26.51
C VAL D 218 2.28 13.83 -26.80
N ASP D 219 2.66 15.01 -26.33
CA ASP D 219 1.84 16.20 -26.58
C ASP D 219 2.16 16.85 -27.92
N ILE D 220 1.49 17.95 -28.23
CA ILE D 220 1.74 18.58 -29.52
C ILE D 220 2.95 19.47 -29.63
N CYS D 221 3.19 20.30 -28.63
CA CYS D 221 4.33 21.19 -28.71
C CYS D 221 4.61 21.91 -27.39
N LEU D 222 5.63 22.76 -27.39
CA LEU D 222 6.01 23.54 -26.23
C LEU D 222 5.44 24.92 -26.47
N ASN D 223 5.16 25.65 -25.41
CA ASN D 223 4.66 26.99 -25.62
C ASN D 223 5.79 27.98 -25.31
N SER D 224 5.52 29.26 -25.48
CA SER D 224 6.51 30.30 -25.23
C SER D 224 7.36 30.13 -23.97
N ARG D 225 6.72 29.71 -22.87
CA ARG D 225 7.45 29.52 -21.62
C ARG D 225 7.99 28.08 -21.58
N TYR D 226 8.09 27.45 -22.74
CA TYR D 226 8.59 26.09 -22.85
C TYR D 226 7.78 25.14 -22.01
N TYR D 227 6.48 25.38 -22.02
CA TYR D 227 5.61 24.51 -21.27
C TYR D 227 5.00 23.54 -22.30
N ILE D 228 4.82 22.29 -21.89
CA ILE D 228 4.24 21.29 -22.77
C ILE D 228 2.77 21.65 -22.91
N VAL D 229 2.26 21.58 -24.14
CA VAL D 229 0.87 21.89 -24.41
C VAL D 229 0.22 20.81 -25.25
N PRO D 230 -1.01 20.46 -24.93
CA PRO D 230 -1.79 21.05 -23.84
C PRO D 230 -1.21 20.84 -22.44
N GLY D 231 -0.34 19.84 -22.31
CA GLY D 231 0.34 19.55 -21.05
C GLY D 231 -0.41 19.25 -19.75
N ILE D 232 0.31 19.44 -18.64
CA ILE D 232 -0.22 19.15 -17.32
C ILE D 232 0.09 20.23 -16.27
N GLY D 233 0.86 21.25 -16.64
CA GLY D 233 1.20 22.28 -15.68
C GLY D 233 2.50 21.76 -15.08
N ASP D 234 2.88 22.25 -13.90
CA ASP D 234 4.13 21.79 -13.29
C ASP D 234 3.89 20.54 -12.44
N PHE D 235 4.27 19.39 -12.99
CA PHE D 235 4.06 18.12 -12.32
C PHE D 235 4.52 18.08 -10.89
N GLY D 236 5.79 18.41 -10.69
CA GLY D 236 6.37 18.41 -9.36
C GLY D 236 5.58 19.26 -8.40
N ASP D 237 5.12 20.43 -8.84
CA ASP D 237 4.35 21.29 -7.95
C ASP D 237 3.00 20.72 -7.60
N ARG D 238 2.32 20.17 -8.60
CA ARG D 238 0.98 19.60 -8.37
C ARG D 238 1.08 18.30 -7.58
N TYR D 239 2.15 17.53 -7.80
CA TYR D 239 2.29 16.29 -7.06
C TYR D 239 2.64 16.46 -5.59
N PHE D 240 3.61 17.32 -5.31
CA PHE D 240 4.01 17.54 -3.91
C PHE D 240 3.23 18.61 -3.18
N GLY D 241 2.44 19.36 -3.92
CA GLY D 241 1.62 20.43 -3.34
C GLY D 241 2.39 21.70 -2.96
N THR D 242 3.36 22.09 -3.77
CA THR D 242 4.09 23.33 -3.48
C THR D 242 3.70 24.29 -4.58
N MET D 243 2.52 24.02 -5.12
CA MET D 243 1.87 24.77 -6.17
C MET D 243 2.06 26.25 -5.92
P PO4 E . -20.53 5.38 -7.10
O1 PO4 E . -20.98 6.25 -6.15
O2 PO4 E . -19.91 3.79 -7.55
O3 PO4 E . -21.56 5.19 -7.98
O4 PO4 E . -19.55 5.95 -7.51
P PO4 F . 34.75 6.45 59.78
O1 PO4 F . 35.11 6.47 58.29
O2 PO4 F . 34.45 7.93 59.91
O3 PO4 F . 33.72 6.06 60.90
O4 PO4 F . 35.80 5.79 60.26
P PO4 G . 23.76 15.92 12.24
O1 PO4 G . 25.08 15.71 12.86
O2 PO4 G . 23.63 14.88 11.26
O3 PO4 G . 22.68 15.80 13.26
O4 PO4 G . 23.63 17.27 11.56
P PO4 H . -4.66 22.18 2.65
O1 PO4 H . -3.45 21.52 2.19
O2 PO4 H . -5.79 21.27 2.55
O3 PO4 H . -4.47 22.58 4.05
O4 PO4 H . -4.90 23.38 1.81
P PO4 I . -21.67 -10.82 18.57
O1 PO4 I . -20.64 -10.27 19.53
O2 PO4 I . -21.51 -12.24 18.41
O3 PO4 I . -23.03 -10.63 19.08
O4 PO4 I . -21.55 -10.22 17.26
P PO4 J . 5.00 -20.42 8.94
O1 PO4 J . 5.14 -20.49 10.41
O2 PO4 J . 5.15 -21.76 8.37
O3 PO4 J . 3.68 -19.83 8.66
O4 PO4 J . 6.04 -19.58 8.38
P PO4 K . 13.31 19.95 -19.67
O1 PO4 K . 13.02 21.09 -20.52
O2 PO4 K . 12.87 18.71 -20.37
O3 PO4 K . 14.73 19.91 -19.39
O4 PO4 K . 12.59 20.10 -18.43
P PO4 L . 21.12 -6.19 -6.00
O1 PO4 L . 22.45 -6.16 -5.33
O2 PO4 L . 21.28 -6.53 -7.43
O3 PO4 L . 20.26 -7.21 -5.36
O4 PO4 L . 20.48 -4.89 -5.87
#